data_7F20
#
_entry.id   7F20
#
_cell.length_a   132.966
_cell.length_b   132.966
_cell.length_c   92.352
_cell.angle_alpha   90.00
_cell.angle_beta   90.00
_cell.angle_gamma   90.00
#
_symmetry.space_group_name_H-M   'I 4'
#
loop_
_entity.id
_entity.type
_entity.pdbx_description
1 polymer 'L-lactate oxidase'
2 non-polymer 'FLAVIN MONONUCLEOTIDE'
3 non-polymer '(2S)-2-HYDROXYPROPANOIC ACID'
4 water water
#
_entity_poly.entity_id   1
_entity_poly.type   'polypeptide(L)'
_entity_poly.pdbx_seq_one_letter_code
;EYNAPSEIKYIDVVNTYDLEEEASKVVPHGGFNYIAGASGDEWTKRANDRAWKHKLLYPRLAQDVEAPDTSTEILGHKIK
APFIMAPIAAHGLAHTTKEAGTARAVSEFGTIMSISAYSGATFEEISEGLNGGPRWFQIYMAKDDQQNRDILDEAKSDGA
TAIILTADSTNRDYPFGMPIVQRYLRGTAEGMYGASKQKISPRDIEEIAAHSGLPVFVKGIQHPEDADMAIKRGASGIWV
SNHGARQLYEAPGSFDTLPAIAERVNKRVPIVFDSGVRRGEHVAKALASGADVVALGRPVLFGLALGGWQGAYSVLDYFQ
KDLTRVMQLTGSQNVEDLKGLDLFDNPYGYEYEYNAPSEIKYIDVVNTYDLEEEASKVVPHGGFNYIAGASGDEWTKRAN
DRAWKHKLLYPRLAQDVEAPDTSTEILGHKIKAPFIMAPIAAHGLAHTTKEAGTARAVSEFGTIMSISAYSGATFEEISE
GLNGGPRWFQIYMAKDDQQNRDILDEAKSDGATAIILTADSTVSGNRDRDVKNKFVYPFGMPIVQRYLRGTAEGMSLNNI
YGASKQKISPRDIEEIAAHSGLPVFVKGIQHPEDADMAIKRGASGIWVSNHGARQLYEAPGSFDTLPAIAERVNKRVPIV
FDSGVRRGEHVAKALASGADVVALGRPVLFGLALGGWQGAYSVLDYFQKDLTRVMQLTGSQNVEDLKGLDLFDNPYGYEY
;
_entity_poly.pdbx_strand_id   A,B
#
# COMPACT_ATOMS: atom_id res chain seq x y z
N GLU A 353 22.88 -28.13 -34.72
CA GLU A 353 24.06 -27.94 -33.79
C GLU A 353 23.60 -28.14 -32.33
N TYR A 354 22.37 -27.78 -32.00
CA TYR A 354 21.83 -27.77 -30.61
C TYR A 354 20.52 -28.57 -30.55
N ASN A 355 20.52 -29.73 -29.88
CA ASN A 355 19.36 -30.65 -29.94
C ASN A 355 18.56 -30.48 -28.64
N ALA A 356 17.76 -29.44 -28.60
CA ALA A 356 16.83 -29.20 -27.47
C ALA A 356 15.76 -30.31 -27.46
N PRO A 357 15.23 -30.63 -26.26
CA PRO A 357 14.06 -31.50 -26.17
C PRO A 357 12.89 -30.94 -26.99
N SER A 358 12.02 -31.85 -27.46
CA SER A 358 10.84 -31.50 -28.28
C SER A 358 9.56 -32.17 -27.79
N GLU A 359 9.64 -33.06 -26.82
CA GLU A 359 8.45 -33.81 -26.35
C GLU A 359 7.50 -32.86 -25.64
N ILE A 360 6.20 -33.05 -25.83
CA ILE A 360 5.17 -32.25 -25.14
C ILE A 360 4.36 -33.22 -24.28
N LYS A 361 4.31 -32.96 -22.98
CA LYS A 361 3.60 -33.84 -22.03
C LYS A 361 3.41 -33.09 -20.72
N TYR A 362 2.32 -33.38 -20.04
CA TYR A 362 2.13 -32.99 -18.64
C TYR A 362 3.13 -33.77 -17.78
N ILE A 363 3.51 -33.15 -16.67
CA ILE A 363 4.41 -33.75 -15.66
C ILE A 363 3.77 -33.63 -14.27
N ASP A 364 4.01 -34.66 -13.45
CA ASP A 364 3.51 -34.71 -12.05
C ASP A 364 4.55 -34.04 -11.18
N VAL A 365 4.32 -32.79 -10.78
CA VAL A 365 5.35 -32.01 -10.04
C VAL A 365 5.15 -32.23 -8.53
N VAL A 366 6.11 -32.89 -7.92
CA VAL A 366 6.10 -33.13 -6.45
C VAL A 366 6.67 -31.85 -5.79
N ASN A 367 7.74 -31.33 -6.37
CA ASN A 367 8.40 -30.07 -5.93
C ASN A 367 9.19 -29.54 -7.11
N THR A 368 9.48 -28.25 -7.11
CA THR A 368 10.17 -27.64 -8.27
C THR A 368 11.67 -27.87 -8.20
N TYR A 369 12.23 -28.19 -7.02
CA TYR A 369 13.70 -28.44 -6.92
C TYR A 369 14.10 -29.65 -7.75
N ASP A 370 13.30 -30.71 -7.73
CA ASP A 370 13.63 -31.96 -8.46
C ASP A 370 13.63 -31.69 -9.97
N LEU A 371 12.97 -30.64 -10.45
CA LEU A 371 12.94 -30.33 -11.90
C LEU A 371 14.33 -30.01 -12.43
N GLU A 372 15.19 -29.42 -11.60
CA GLU A 372 16.54 -29.01 -12.06
C GLU A 372 17.32 -30.26 -12.50
N GLU A 373 17.50 -31.24 -11.62
CA GLU A 373 18.23 -32.49 -11.95
C GLU A 373 17.52 -33.17 -13.12
N GLU A 374 16.18 -33.21 -13.13
CA GLU A 374 15.48 -33.91 -14.23
C GLU A 374 15.77 -33.18 -15.55
N ALA A 375 15.72 -31.86 -15.58
CA ALA A 375 15.99 -31.10 -16.82
C ALA A 375 17.45 -31.32 -17.27
N SER A 376 18.40 -31.52 -16.34
CA SER A 376 19.83 -31.74 -16.66
C SER A 376 20.02 -33.01 -17.47
N LYS A 377 19.05 -33.94 -17.44
CA LYS A 377 19.17 -35.20 -18.19
C LYS A 377 18.74 -35.02 -19.66
N VAL A 378 18.05 -33.94 -20.02
CA VAL A 378 17.47 -33.86 -21.38
C VAL A 378 17.97 -32.61 -22.11
N VAL A 379 18.46 -31.59 -21.40
CA VAL A 379 18.89 -30.31 -22.02
C VAL A 379 20.38 -30.43 -22.30
N PRO A 380 20.87 -30.04 -23.49
CA PRO A 380 22.30 -30.13 -23.76
C PRO A 380 23.10 -29.40 -22.68
N HIS A 381 24.32 -29.89 -22.38
CA HIS A 381 25.14 -29.47 -21.22
C HIS A 381 25.30 -27.93 -21.19
N GLY A 382 25.76 -27.31 -22.27
CA GLY A 382 26.00 -25.87 -22.29
C GLY A 382 24.76 -25.09 -21.95
N GLY A 383 23.66 -25.40 -22.61
CA GLY A 383 22.42 -24.63 -22.44
C GLY A 383 21.87 -24.87 -21.07
N PHE A 384 21.95 -26.11 -20.58
CA PHE A 384 21.42 -26.41 -19.22
C PHE A 384 22.15 -25.53 -18.20
N ASN A 385 23.46 -25.49 -18.29
CA ASN A 385 24.28 -24.75 -17.31
C ASN A 385 24.09 -23.25 -17.49
N TYR A 386 23.79 -22.74 -18.69
CA TYR A 386 23.39 -21.34 -18.89
C TYR A 386 22.12 -21.04 -18.11
N ILE A 387 21.15 -21.94 -18.15
CA ILE A 387 19.85 -21.70 -17.44
C ILE A 387 20.07 -21.84 -15.93
N ALA A 388 20.74 -22.90 -15.49
CA ALA A 388 20.80 -23.26 -14.06
C ALA A 388 21.82 -22.38 -13.31
N GLY A 389 22.88 -21.98 -13.99
CA GLY A 389 24.01 -21.38 -13.25
C GLY A 389 23.78 -19.95 -12.81
N ALA A 390 24.75 -19.43 -12.07
CA ALA A 390 24.64 -18.09 -11.47
C ALA A 390 26.06 -17.57 -11.23
N SER A 391 26.16 -16.38 -10.67
CA SER A 391 27.48 -15.71 -10.57
C SER A 391 28.38 -16.37 -9.54
N GLY A 392 29.68 -16.25 -9.77
CA GLY A 392 30.67 -16.78 -8.83
C GLY A 392 30.49 -18.23 -8.51
N ASP A 393 30.51 -18.58 -7.22
CA ASP A 393 30.32 -19.97 -6.78
C ASP A 393 28.85 -20.19 -6.42
N GLU A 394 28.00 -19.25 -6.81
CA GLU A 394 26.52 -19.38 -6.69
C GLU A 394 26.07 -19.17 -5.23
N TRP A 395 26.92 -18.59 -4.38
CA TRP A 395 26.51 -18.31 -2.98
C TRP A 395 25.25 -17.44 -2.96
N THR A 396 25.13 -16.44 -3.83
CA THR A 396 23.94 -15.55 -3.80
C THR A 396 22.72 -16.30 -4.36
N LYS A 397 22.88 -17.26 -5.28
CA LYS A 397 21.74 -18.12 -5.68
C LYS A 397 21.27 -18.93 -4.47
N ARG A 398 22.20 -19.50 -3.72
CA ARG A 398 21.86 -20.21 -2.48
C ARG A 398 21.20 -19.25 -1.51
N ALA A 399 21.65 -18.00 -1.41
CA ALA A 399 21.08 -17.02 -0.48
C ALA A 399 19.62 -16.74 -0.88
N ASN A 400 19.38 -16.61 -2.18
CA ASN A 400 17.99 -16.42 -2.66
C ASN A 400 17.13 -17.55 -2.07
N ASP A 401 17.60 -18.76 -2.11
CA ASP A 401 16.81 -19.92 -1.63
C ASP A 401 16.71 -19.93 -0.09
N ARG A 402 17.81 -19.72 0.59
CA ARG A 402 17.86 -19.83 2.07
C ARG A 402 17.14 -18.66 2.69
N ALA A 403 16.97 -17.54 1.98
CA ALA A 403 16.32 -16.37 2.56
C ALA A 403 14.89 -16.72 3.00
N TRP A 404 14.25 -17.66 2.34
CA TRP A 404 12.83 -18.02 2.70
C TRP A 404 12.79 -18.58 4.12
N LYS A 405 13.89 -19.11 4.63
CA LYS A 405 13.86 -19.65 6.02
C LYS A 405 14.06 -18.54 7.04
N HIS A 406 14.28 -17.32 6.64
CA HIS A 406 14.47 -16.21 7.60
C HIS A 406 13.15 -15.72 8.20
N LYS A 407 12.06 -15.95 7.50
CA LYS A 407 10.72 -15.48 7.89
C LYS A 407 9.78 -16.63 7.66
N LEU A 408 9.21 -17.15 8.76
CA LEU A 408 8.49 -18.43 8.69
C LEU A 408 6.99 -18.22 8.86
N LEU A 409 6.21 -19.04 8.20
CA LEU A 409 4.75 -18.90 8.24
C LEU A 409 4.21 -19.52 9.52
N TYR A 410 3.15 -18.93 10.05
CA TYR A 410 2.37 -19.57 11.13
C TYR A 410 1.16 -20.31 10.58
N PRO A 411 0.93 -21.56 11.00
CA PRO A 411 -0.40 -22.16 10.78
C PRO A 411 -1.36 -21.41 11.66
N ARG A 412 -2.58 -21.25 11.15
CA ARG A 412 -3.65 -20.58 11.90
C ARG A 412 -4.88 -21.49 11.87
N LEU A 413 -5.55 -21.54 13.02
CA LEU A 413 -6.62 -22.52 13.29
C LEU A 413 -7.95 -21.78 13.51
N ALA A 414 -9.04 -22.51 13.24
CA ALA A 414 -10.44 -22.04 13.33
C ALA A 414 -10.63 -20.67 12.65
N GLN A 415 -10.15 -20.50 11.43
CA GLN A 415 -10.08 -19.19 10.74
C GLN A 415 -11.31 -19.03 9.83
N ASP A 416 -12.21 -20.03 9.83
CA ASP A 416 -13.46 -20.01 9.03
C ASP A 416 -13.14 -19.84 7.54
N VAL A 417 -12.20 -20.62 7.02
CA VAL A 417 -11.71 -20.56 5.63
C VAL A 417 -11.97 -21.91 4.97
N GLU A 418 -12.34 -21.87 3.69
CA GLU A 418 -12.48 -23.08 2.86
C GLU A 418 -12.34 -22.65 1.40
N ALA A 419 -11.73 -23.47 0.58
CA ALA A 419 -11.60 -23.23 -0.89
C ALA A 419 -11.05 -21.83 -1.13
N PRO A 420 -9.79 -21.59 -0.73
CA PRO A 420 -9.18 -20.29 -0.99
C PRO A 420 -9.21 -19.95 -2.48
N ASP A 421 -9.28 -18.65 -2.70
CA ASP A 421 -9.31 -18.06 -4.06
C ASP A 421 -7.93 -17.46 -4.31
N THR A 422 -7.21 -17.92 -5.32
CA THR A 422 -5.84 -17.40 -5.61
C THR A 422 -5.87 -16.22 -6.58
N SER A 423 -7.05 -15.81 -7.04
CA SER A 423 -7.05 -14.78 -8.10
C SER A 423 -6.61 -13.42 -7.56
N THR A 424 -6.08 -12.59 -8.43
CA THR A 424 -5.71 -11.20 -8.08
C THR A 424 -5.75 -10.36 -9.35
N GLU A 425 -5.43 -9.11 -9.20
CA GLU A 425 -5.45 -8.17 -10.35
C GLU A 425 -4.19 -7.36 -10.27
N ILE A 426 -3.55 -7.10 -11.40
CA ILE A 426 -2.40 -6.18 -11.45
C ILE A 426 -2.53 -5.36 -12.74
N LEU A 427 -2.48 -4.04 -12.57
CA LEU A 427 -2.51 -3.08 -13.71
C LEU A 427 -3.63 -3.46 -14.67
N GLY A 428 -4.81 -3.70 -14.10
CA GLY A 428 -6.07 -3.96 -14.83
C GLY A 428 -6.11 -5.32 -15.50
N HIS A 429 -5.24 -6.25 -15.11
CA HIS A 429 -5.29 -7.65 -15.60
C HIS A 429 -5.77 -8.53 -14.44
N LYS A 430 -6.92 -9.20 -14.55
CA LYS A 430 -7.31 -10.27 -13.60
C LYS A 430 -6.55 -11.52 -13.98
N ILE A 431 -5.83 -12.11 -13.02
CA ILE A 431 -4.97 -13.30 -13.23
C ILE A 431 -5.34 -14.36 -12.22
N LYS A 432 -5.09 -15.59 -12.55
CA LYS A 432 -5.61 -16.76 -11.84
C LYS A 432 -4.91 -16.91 -10.49
N ALA A 433 -3.67 -16.44 -10.36
CA ALA A 433 -2.83 -16.61 -9.16
C ALA A 433 -1.89 -15.44 -9.12
N PRO A 434 -1.33 -15.10 -7.94
CA PRO A 434 -0.51 -13.89 -7.82
C PRO A 434 0.94 -14.16 -8.25
N PHE A 435 1.08 -14.68 -9.46
CA PHE A 435 2.41 -14.89 -10.06
C PHE A 435 2.28 -14.72 -11.56
N ILE A 436 3.34 -14.21 -12.14
CA ILE A 436 3.47 -13.98 -13.60
C ILE A 436 4.72 -14.68 -14.10
N MET A 437 4.92 -14.74 -15.41
CA MET A 437 6.15 -15.31 -15.98
C MET A 437 7.22 -14.23 -16.03
N ALA A 438 8.40 -14.55 -15.52
CA ALA A 438 9.54 -13.61 -15.59
C ALA A 438 10.06 -13.58 -17.01
N PRO A 439 10.61 -12.44 -17.42
CA PRO A 439 11.22 -12.37 -18.76
C PRO A 439 12.54 -13.13 -18.71
N ILE A 440 12.67 -14.13 -19.57
CA ILE A 440 13.84 -15.02 -19.66
C ILE A 440 14.24 -15.13 -21.13
N ALA A 441 15.54 -14.94 -21.39
CA ALA A 441 16.06 -15.05 -22.75
C ALA A 441 15.97 -16.49 -23.25
N ALA A 442 15.94 -16.64 -24.59
CA ALA A 442 16.48 -17.86 -25.25
C ALA A 442 15.82 -19.17 -24.76
N HIS A 443 14.49 -19.24 -24.76
CA HIS A 443 13.76 -20.45 -24.29
C HIS A 443 14.07 -21.65 -25.17
N GLY A 444 14.51 -21.42 -26.39
CA GLY A 444 14.93 -22.54 -27.25
C GLY A 444 16.09 -23.34 -26.69
N LEU A 445 16.84 -22.83 -25.70
CA LEU A 445 17.84 -23.65 -24.99
C LEU A 445 17.17 -24.78 -24.21
N ALA A 446 15.93 -24.57 -23.83
CA ALA A 446 15.18 -25.57 -23.04
C ALA A 446 14.30 -26.48 -23.91
N HIS A 447 13.71 -25.96 -24.98
CA HIS A 447 12.72 -26.75 -25.75
C HIS A 447 12.60 -26.17 -27.15
N THR A 448 12.37 -27.02 -28.13
CA THR A 448 12.28 -26.57 -29.55
C THR A 448 11.09 -25.61 -29.76
N THR A 449 10.03 -25.68 -28.95
CA THR A 449 8.88 -24.76 -29.10
C THR A 449 9.18 -23.41 -28.46
N LYS A 450 10.31 -23.33 -27.74
CA LYS A 450 10.89 -22.06 -27.27
C LYS A 450 9.80 -21.16 -26.63
N GLU A 451 9.84 -19.85 -26.86
CA GLU A 451 9.00 -18.88 -26.15
C GLU A 451 7.53 -19.11 -26.52
N ALA A 452 7.24 -19.70 -27.69
CA ALA A 452 5.81 -19.98 -28.04
C ALA A 452 5.27 -21.04 -27.07
N GLY A 453 6.07 -22.05 -26.72
CA GLY A 453 5.66 -23.06 -25.75
C GLY A 453 5.40 -22.41 -24.41
N THR A 454 6.33 -21.60 -23.91
CA THR A 454 6.09 -20.90 -22.62
C THR A 454 4.83 -20.03 -22.68
N ALA A 455 4.65 -19.29 -23.77
CA ALA A 455 3.51 -18.38 -23.97
C ALA A 455 2.21 -19.18 -23.90
N ARG A 456 2.18 -20.35 -24.54
CA ARG A 456 0.97 -21.21 -24.55
C ARG A 456 0.67 -21.64 -23.10
N ALA A 457 1.70 -22.05 -22.35
CA ALA A 457 1.46 -22.49 -20.95
C ALA A 457 0.90 -21.32 -20.15
N VAL A 458 1.50 -20.15 -20.28
CA VAL A 458 1.16 -18.98 -19.43
C VAL A 458 -0.28 -18.53 -19.78
N SER A 459 -0.58 -18.45 -21.07
CA SER A 459 -1.91 -17.98 -21.51
C SER A 459 -2.96 -19.05 -21.13
N GLU A 460 -2.65 -20.34 -21.22
CA GLU A 460 -3.62 -21.41 -20.89
C GLU A 460 -3.88 -21.38 -19.40
N PHE A 461 -2.86 -21.08 -18.63
CA PHE A 461 -2.98 -21.07 -17.16
C PHE A 461 -3.81 -19.87 -16.74
N GLY A 462 -3.59 -18.71 -17.35
CA GLY A 462 -4.30 -17.46 -17.03
C GLY A 462 -3.47 -16.44 -16.27
N THR A 463 -2.22 -16.21 -16.69
CA THR A 463 -1.45 -15.09 -16.13
C THR A 463 -0.73 -14.37 -17.25
N ILE A 464 0.14 -13.45 -16.86
CA ILE A 464 0.84 -12.55 -17.78
C ILE A 464 2.14 -13.15 -18.22
N MET A 465 2.43 -13.04 -19.53
CA MET A 465 3.69 -13.44 -20.14
C MET A 465 4.60 -12.23 -20.21
N SER A 466 5.82 -12.35 -19.71
CA SER A 466 6.86 -11.33 -19.90
C SER A 466 7.78 -11.80 -21.02
N ILE A 467 7.95 -10.94 -22.02
CA ILE A 467 8.76 -11.26 -23.23
C ILE A 467 10.12 -10.61 -23.09
N SER A 468 11.16 -11.43 -23.09
CA SER A 468 12.57 -10.99 -23.04
C SER A 468 12.92 -10.30 -24.36
N ALA A 469 13.65 -9.22 -24.29
CA ALA A 469 14.28 -8.60 -25.48
C ALA A 469 15.20 -9.63 -26.15
N TYR A 470 15.71 -10.62 -25.42
CA TYR A 470 16.65 -11.65 -25.98
C TYR A 470 15.90 -12.95 -26.26
N SER A 471 14.62 -12.83 -26.62
CA SER A 471 13.80 -13.97 -27.12
C SER A 471 14.44 -14.56 -28.40
N GLY A 472 14.46 -15.89 -28.54
CA GLY A 472 14.79 -16.57 -29.81
C GLY A 472 13.58 -16.67 -30.74
N ALA A 473 12.42 -16.32 -30.26
CA ALA A 473 11.18 -16.32 -31.08
C ALA A 473 10.84 -14.90 -31.49
N THR A 474 10.20 -14.74 -32.66
CA THR A 474 9.67 -13.44 -33.12
C THR A 474 8.41 -13.08 -32.32
N PHE A 475 8.02 -11.81 -32.30
CA PHE A 475 6.74 -11.37 -31.71
C PHE A 475 5.62 -12.19 -32.32
N GLU A 476 5.68 -12.49 -33.62
CA GLU A 476 4.63 -13.26 -34.35
C GLU A 476 4.52 -14.66 -33.76
N GLU A 477 5.63 -15.35 -33.55
CA GLU A 477 5.62 -16.74 -33.02
C GLU A 477 5.12 -16.72 -31.58
N ILE A 478 5.51 -15.74 -30.79
CA ILE A 478 5.05 -15.68 -29.38
C ILE A 478 3.53 -15.38 -29.39
N SER A 479 3.08 -14.46 -30.26
CA SER A 479 1.65 -14.04 -30.35
C SER A 479 0.78 -15.25 -30.63
N GLU A 480 1.26 -16.17 -31.44
CA GLU A 480 0.51 -17.40 -31.82
C GLU A 480 0.36 -18.28 -30.58
N GLY A 481 1.42 -18.42 -29.78
CA GLY A 481 1.32 -19.20 -28.54
C GLY A 481 0.41 -18.56 -27.51
N LEU A 482 0.38 -17.22 -27.42
CA LEU A 482 -0.44 -16.45 -26.45
C LEU A 482 -1.93 -16.47 -26.78
N ASN A 483 -2.29 -16.47 -28.06
CA ASN A 483 -3.72 -16.55 -28.47
C ASN A 483 -4.54 -15.49 -27.72
N GLY A 484 -4.05 -14.27 -27.67
CA GLY A 484 -4.75 -13.10 -27.13
C GLY A 484 -4.41 -12.83 -25.67
N GLY A 485 -3.62 -13.70 -25.05
CA GLY A 485 -3.30 -13.57 -23.62
C GLY A 485 -2.45 -12.34 -23.35
N PRO A 486 -2.51 -11.76 -22.14
CA PRO A 486 -1.78 -10.55 -21.80
C PRO A 486 -0.25 -10.76 -21.80
N ARG A 487 0.44 -9.72 -22.20
CA ARG A 487 1.91 -9.73 -22.33
C ARG A 487 2.48 -8.39 -21.98
N TRP A 488 3.64 -8.45 -21.33
CA TRP A 488 4.51 -7.32 -20.97
C TRP A 488 5.84 -7.50 -21.69
N PHE A 489 6.41 -6.42 -22.15
CA PHE A 489 7.68 -6.51 -22.91
C PHE A 489 8.83 -6.01 -22.06
N GLN A 490 9.90 -6.81 -21.95
CA GLN A 490 11.13 -6.48 -21.22
C GLN A 490 12.14 -5.93 -22.20
N ILE A 491 12.53 -4.70 -21.98
CA ILE A 491 13.52 -4.05 -22.88
C ILE A 491 14.88 -4.12 -22.20
N TYR A 492 15.82 -4.63 -23.01
CA TYR A 492 17.24 -4.30 -22.93
C TYR A 492 17.45 -3.15 -23.91
N MET A 493 17.65 -1.95 -23.36
CA MET A 493 17.78 -0.68 -24.12
C MET A 493 18.97 -0.78 -25.07
N ALA A 494 18.72 -0.36 -26.30
CA ALA A 494 19.75 0.03 -27.28
C ALA A 494 20.40 1.34 -26.82
N LYS A 495 21.64 1.56 -27.21
CA LYS A 495 22.26 2.91 -27.09
C LYS A 495 21.59 3.91 -28.05
N ASP A 496 21.07 3.44 -29.18
CA ASP A 496 20.41 4.34 -30.17
C ASP A 496 18.95 4.59 -29.75
N ASP A 497 18.58 5.84 -29.49
CA ASP A 497 17.20 6.24 -29.08
C ASP A 497 16.17 5.75 -30.11
N GLN A 498 16.45 5.87 -31.40
CA GLN A 498 15.47 5.50 -32.44
C GLN A 498 15.21 3.99 -32.37
N GLN A 499 16.22 3.16 -32.13
CA GLN A 499 16.02 1.68 -32.01
C GLN A 499 15.12 1.41 -30.80
N ASN A 500 15.20 2.22 -29.73
CA ASN A 500 14.36 2.05 -28.53
C ASN A 500 12.92 2.38 -28.91
N ARG A 501 12.72 3.44 -29.67
CA ARG A 501 11.37 3.87 -30.10
C ARG A 501 10.80 2.76 -30.96
N ASP A 502 11.61 2.23 -31.88
CA ASP A 502 11.16 1.14 -32.78
C ASP A 502 10.76 -0.11 -31.96
N ILE A 503 11.63 -0.56 -31.05
CA ILE A 503 11.39 -1.79 -30.22
C ILE A 503 10.10 -1.60 -29.41
N LEU A 504 9.97 -0.46 -28.73
CA LEU A 504 8.79 -0.11 -27.92
C LEU A 504 7.52 -0.04 -28.79
N ASP A 505 7.61 0.56 -29.97
CA ASP A 505 6.46 0.63 -30.89
C ASP A 505 6.08 -0.79 -31.32
N GLU A 506 7.04 -1.64 -31.65
CA GLU A 506 6.76 -3.05 -32.08
C GLU A 506 6.04 -3.77 -30.93
N ALA A 507 6.56 -3.64 -29.71
CA ALA A 507 5.99 -4.35 -28.55
C ALA A 507 4.55 -3.89 -28.32
N LYS A 508 4.33 -2.59 -28.28
CA LYS A 508 2.96 -2.04 -28.08
C LYS A 508 2.02 -2.47 -29.22
N SER A 509 2.46 -2.44 -30.48
CA SER A 509 1.67 -2.92 -31.64
C SER A 509 1.35 -4.40 -31.46
N ASP A 510 2.29 -5.20 -30.91
CA ASP A 510 2.08 -6.65 -30.63
C ASP A 510 1.12 -6.84 -29.44
N GLY A 511 0.82 -5.80 -28.68
CA GLY A 511 -0.21 -5.85 -27.62
C GLY A 511 0.35 -5.75 -26.21
N ALA A 512 1.58 -5.30 -26.02
CA ALA A 512 2.15 -5.13 -24.67
C ALA A 512 1.31 -4.15 -23.88
N THR A 513 1.05 -4.46 -22.61
CA THR A 513 0.34 -3.54 -21.71
C THR A 513 1.22 -3.03 -20.57
N ALA A 514 2.51 -3.34 -20.59
CA ALA A 514 3.49 -2.74 -19.68
C ALA A 514 4.88 -2.96 -20.29
N ILE A 515 5.80 -2.15 -19.88
CA ILE A 515 7.23 -2.27 -20.29
C ILE A 515 8.01 -2.56 -19.01
N ILE A 516 8.96 -3.49 -19.12
CA ILE A 516 9.86 -3.88 -18.02
C ILE A 516 11.25 -3.38 -18.42
N LEU A 517 11.74 -2.34 -17.79
CA LEU A 517 13.12 -1.88 -18.00
C LEU A 517 14.05 -2.66 -17.07
N THR A 518 14.75 -3.65 -17.58
CA THR A 518 15.75 -4.41 -16.79
C THR A 518 17.02 -3.58 -16.73
N ALA A 519 17.38 -3.14 -15.53
CA ALA A 519 18.50 -2.18 -15.42
C ALA A 519 19.70 -2.80 -14.71
N ASP A 520 19.66 -4.10 -14.38
CA ASP A 520 20.68 -4.72 -13.49
C ASP A 520 21.70 -5.50 -14.31
N SER A 521 21.72 -5.32 -15.62
CA SER A 521 22.52 -6.18 -16.52
C SER A 521 23.29 -5.29 -17.46
N THR A 522 23.74 -4.12 -17.01
CA THR A 522 24.52 -3.21 -17.90
C THR A 522 25.83 -3.89 -18.33
N VAL A 523 26.40 -4.79 -17.51
CA VAL A 523 27.38 -5.81 -17.92
C VAL A 523 26.93 -7.14 -17.34
N SER A 524 27.49 -8.25 -17.84
CA SER A 524 27.19 -9.62 -17.39
C SER A 524 27.66 -9.82 -15.96
N GLY A 525 26.95 -10.65 -15.23
CA GLY A 525 27.53 -11.27 -14.04
C GLY A 525 28.70 -12.16 -14.39
N ASN A 526 29.46 -12.52 -13.37
CA ASN A 526 30.62 -13.43 -13.47
C ASN A 526 30.09 -14.86 -13.42
N ARG A 527 29.57 -15.34 -14.56
CA ARG A 527 28.87 -16.64 -14.61
C ARG A 527 29.89 -17.74 -14.92
N ASP A 528 30.51 -18.30 -13.89
CA ASP A 528 31.67 -19.21 -14.06
C ASP A 528 31.27 -20.43 -14.90
N ARG A 529 30.04 -20.94 -14.76
CA ARG A 529 29.69 -22.13 -15.58
C ARG A 529 29.82 -21.82 -17.07
N ASP A 530 29.32 -20.67 -17.49
CA ASP A 530 29.28 -20.27 -18.93
C ASP A 530 30.70 -19.98 -19.41
N VAL A 531 31.54 -19.41 -18.54
CA VAL A 531 32.98 -19.18 -18.88
C VAL A 531 33.63 -20.55 -19.09
N LYS A 532 33.49 -21.48 -18.14
CA LYS A 532 34.11 -22.82 -18.22
C LYS A 532 33.61 -23.59 -19.45
N ASN A 533 32.33 -23.44 -19.80
CA ASN A 533 31.71 -24.19 -20.94
C ASN A 533 31.91 -23.44 -22.27
N LYS A 534 32.46 -22.23 -22.22
CA LYS A 534 32.61 -21.34 -23.41
C LYS A 534 31.26 -21.25 -24.11
N PHE A 535 30.22 -20.99 -23.32
CA PHE A 535 28.84 -20.95 -23.82
C PHE A 535 28.68 -19.79 -24.82
N VAL A 536 28.10 -20.12 -25.99
CA VAL A 536 27.56 -19.12 -26.96
C VAL A 536 26.13 -19.51 -27.32
N TYR A 537 25.28 -18.53 -27.63
CA TYR A 537 23.91 -18.82 -28.12
C TYR A 537 23.99 -19.59 -29.43
N PRO A 538 23.21 -20.69 -29.58
CA PRO A 538 23.21 -21.48 -30.81
C PRO A 538 22.17 -21.05 -31.84
N PHE A 539 21.53 -19.90 -31.63
CA PHE A 539 20.49 -19.38 -32.55
C PHE A 539 20.40 -17.87 -32.36
N GLY A 540 19.70 -17.22 -33.27
CA GLY A 540 19.55 -15.76 -33.31
C GLY A 540 18.49 -15.28 -32.36
N MET A 541 18.53 -13.98 -32.10
CA MET A 541 17.58 -13.21 -31.27
C MET A 541 16.94 -12.15 -32.15
N PRO A 542 15.78 -12.45 -32.76
CA PRO A 542 15.19 -11.55 -33.75
C PRO A 542 14.77 -10.15 -33.27
N ILE A 543 14.50 -9.94 -31.98
CA ILE A 543 13.99 -8.63 -31.52
C ILE A 543 15.14 -7.62 -31.42
N VAL A 544 16.34 -8.06 -31.03
CA VAL A 544 17.48 -7.14 -30.75
C VAL A 544 18.52 -7.21 -31.86
N GLN A 545 18.38 -8.14 -32.81
CA GLN A 545 19.31 -8.32 -33.97
C GLN A 545 19.73 -6.94 -34.54
N ARG A 546 18.79 -5.98 -34.60
CA ARG A 546 18.98 -4.62 -35.17
C ARG A 546 20.24 -3.94 -34.61
N TYR A 547 20.64 -4.24 -33.37
CA TYR A 547 21.79 -3.53 -32.74
C TYR A 547 22.95 -4.49 -32.44
N LEU A 548 22.89 -5.72 -32.93
CA LEU A 548 23.99 -6.71 -32.76
C LEU A 548 24.90 -6.72 -33.99
N ARG A 549 24.39 -6.28 -35.15
CA ARG A 549 25.15 -6.23 -36.44
C ARG A 549 25.83 -7.58 -36.66
N GLY A 550 25.12 -8.51 -37.30
CA GLY A 550 25.57 -9.90 -37.56
C GLY A 550 24.47 -10.90 -37.21
N THR A 551 24.29 -11.17 -35.91
CA THR A 551 23.34 -12.17 -35.33
C THR A 551 23.85 -12.59 -33.93
N ALA A 552 22.94 -12.74 -32.97
CA ALA A 552 23.21 -13.28 -31.61
C ALA A 552 23.79 -14.71 -31.71
N GLU A 553 23.57 -15.40 -32.83
CA GLU A 553 24.08 -16.78 -33.06
C GLU A 553 25.62 -16.75 -33.03
N GLY A 554 26.23 -17.58 -32.16
CA GLY A 554 27.68 -17.71 -32.01
C GLY A 554 28.28 -16.64 -31.09
N MET A 555 27.45 -15.73 -30.57
CA MET A 555 27.89 -14.65 -29.63
C MET A 555 27.77 -15.13 -28.17
N SER A 556 28.72 -14.64 -27.35
CA SER A 556 28.71 -14.74 -25.88
C SER A 556 27.69 -13.72 -25.35
N LEU A 557 27.20 -13.92 -24.13
CA LEU A 557 26.25 -12.96 -23.50
C LEU A 557 26.98 -11.64 -23.15
N ASN A 558 28.26 -11.72 -22.76
CA ASN A 558 29.14 -10.52 -22.59
C ASN A 558 28.93 -9.55 -23.75
N ASN A 559 29.09 -10.03 -24.99
CA ASN A 559 29.08 -9.20 -26.23
C ASN A 559 27.66 -8.71 -26.55
N ILE A 560 26.63 -9.52 -26.26
CA ILE A 560 25.20 -9.12 -26.44
C ILE A 560 24.84 -8.03 -25.41
N TYR A 561 25.01 -8.27 -24.10
CA TYR A 561 24.85 -7.23 -23.05
C TYR A 561 25.67 -5.97 -23.38
N GLY A 562 26.88 -6.17 -23.93
CA GLY A 562 27.80 -5.07 -24.29
C GLY A 562 27.22 -4.17 -25.37
N ALA A 563 26.34 -4.70 -26.22
CA ALA A 563 25.67 -3.96 -27.32
C ALA A 563 24.53 -3.10 -26.75
N SER A 564 23.83 -3.61 -25.73
CA SER A 564 22.76 -2.83 -25.04
C SER A 564 23.39 -1.63 -24.31
N LYS A 565 22.57 -0.74 -23.74
CA LYS A 565 22.99 0.51 -23.06
C LYS A 565 23.57 0.25 -21.66
N GLN A 566 24.77 0.79 -21.41
CA GLN A 566 25.41 0.71 -20.06
C GLN A 566 24.96 1.90 -19.23
N LYS A 567 24.94 3.10 -19.82
CA LYS A 567 24.79 4.37 -19.10
C LYS A 567 23.30 4.71 -18.94
N ILE A 568 22.55 3.70 -18.52
CA ILE A 568 21.13 3.90 -18.15
C ILE A 568 21.09 4.96 -17.04
N SER A 569 20.20 5.93 -17.15
CA SER A 569 19.95 6.95 -16.10
C SER A 569 18.45 7.04 -15.82
N PRO A 570 18.04 7.80 -14.80
CA PRO A 570 16.61 8.07 -14.55
C PRO A 570 15.90 8.63 -15.77
N ARG A 571 16.65 9.35 -16.62
CA ARG A 571 16.05 9.97 -17.83
C ARG A 571 15.46 8.87 -18.70
N ASP A 572 16.14 7.71 -18.74
CA ASP A 572 15.69 6.55 -19.55
C ASP A 572 14.33 6.09 -19.07
N ILE A 573 14.07 6.08 -17.76
CA ILE A 573 12.77 5.62 -17.20
C ILE A 573 11.69 6.61 -17.65
N GLU A 574 11.97 7.88 -17.51
CA GLU A 574 11.07 8.98 -17.99
C GLU A 574 10.70 8.80 -19.46
N GLU A 575 11.72 8.56 -20.29
CA GLU A 575 11.60 8.57 -21.77
C GLU A 575 10.88 7.31 -22.25
N ILE A 576 11.11 6.16 -21.59
CA ILE A 576 10.35 4.95 -21.95
C ILE A 576 8.88 5.20 -21.60
N ALA A 577 8.59 5.73 -20.43
CA ALA A 577 7.20 5.97 -19.98
C ALA A 577 6.51 6.99 -20.90
N ALA A 578 7.23 8.04 -21.31
CA ALA A 578 6.66 9.11 -22.17
C ALA A 578 6.38 8.51 -23.55
N HIS A 579 7.34 7.77 -24.10
CA HIS A 579 7.20 7.30 -25.50
C HIS A 579 6.13 6.22 -25.59
N SER A 580 6.13 5.26 -24.66
CA SER A 580 5.25 4.07 -24.75
C SER A 580 3.81 4.43 -24.39
N GLY A 581 3.65 5.36 -23.44
CA GLY A 581 2.36 5.59 -22.77
C GLY A 581 1.88 4.33 -22.08
N LEU A 582 2.80 3.40 -21.77
CA LEU A 582 2.48 2.18 -20.98
C LEU A 582 3.13 2.30 -19.63
N PRO A 583 2.56 1.63 -18.60
CA PRO A 583 3.25 1.57 -17.32
C PRO A 583 4.62 0.89 -17.48
N VAL A 584 5.63 1.48 -16.84
CA VAL A 584 7.04 1.01 -16.86
C VAL A 584 7.36 0.45 -15.47
N PHE A 585 7.78 -0.80 -15.45
CA PHE A 585 8.44 -1.39 -14.26
C PHE A 585 9.94 -1.16 -14.38
N VAL A 586 10.61 -0.90 -13.29
CA VAL A 586 12.09 -0.93 -13.24
C VAL A 586 12.48 -2.19 -12.53
N LYS A 587 13.20 -3.08 -13.23
CA LYS A 587 13.51 -4.43 -12.74
C LYS A 587 14.99 -4.55 -12.35
N GLY A 588 15.22 -5.22 -11.23
CA GLY A 588 16.57 -5.47 -10.69
C GLY A 588 16.80 -4.72 -9.41
N ILE A 589 15.79 -4.09 -8.85
CA ILE A 589 15.91 -3.24 -7.65
C ILE A 589 16.12 -4.15 -6.42
N GLN A 590 17.13 -3.77 -5.64
CA GLN A 590 17.45 -4.42 -4.33
C GLN A 590 17.65 -3.39 -3.21
N HIS A 591 17.84 -2.13 -3.53
CA HIS A 591 18.08 -1.05 -2.57
C HIS A 591 16.87 -0.13 -2.59
N PRO A 592 16.34 0.24 -1.43
CA PRO A 592 15.13 1.04 -1.38
C PRO A 592 15.28 2.38 -2.10
N GLU A 593 16.49 2.95 -2.09
CA GLU A 593 16.68 4.26 -2.75
C GLU A 593 16.41 4.20 -4.23
N ASP A 594 16.75 3.11 -4.90
CA ASP A 594 16.43 2.96 -6.33
C ASP A 594 14.92 2.90 -6.56
N ALA A 595 14.16 2.31 -5.63
CA ALA A 595 12.70 2.30 -5.71
C ALA A 595 12.17 3.73 -5.67
N ASP A 596 12.58 4.52 -4.70
CA ASP A 596 12.15 5.94 -4.57
C ASP A 596 12.54 6.66 -5.86
N MET A 597 13.73 6.43 -6.35
CA MET A 597 14.20 7.16 -7.55
C MET A 597 13.34 6.80 -8.74
N ALA A 598 13.10 5.52 -8.97
CA ALA A 598 12.41 5.00 -10.15
C ALA A 598 11.01 5.61 -10.15
N ILE A 599 10.37 5.64 -8.98
CA ILE A 599 8.99 6.18 -8.87
C ILE A 599 9.02 7.68 -9.18
N LYS A 600 9.96 8.41 -8.63
CA LYS A 600 10.05 9.87 -8.89
C LYS A 600 10.38 10.11 -10.36
N ARG A 601 11.00 9.19 -11.06
CA ARG A 601 11.35 9.35 -12.49
C ARG A 601 10.25 8.80 -13.39
N GLY A 602 9.08 8.39 -12.87
CA GLY A 602 7.93 8.00 -13.68
C GLY A 602 7.68 6.52 -13.83
N ALA A 603 8.38 5.65 -13.07
CA ALA A 603 7.98 4.22 -13.06
C ALA A 603 6.58 4.05 -12.48
N SER A 604 5.86 3.09 -13.03
CA SER A 604 4.49 2.73 -12.58
C SER A 604 4.56 1.42 -11.77
N GLY A 605 5.77 0.87 -11.58
CA GLY A 605 5.93 -0.37 -10.81
C GLY A 605 7.38 -0.62 -10.49
N ILE A 606 7.63 -1.31 -9.37
CA ILE A 606 8.99 -1.71 -8.89
C ILE A 606 9.07 -3.20 -9.01
N TRP A 607 10.13 -3.71 -9.60
CA TRP A 607 10.31 -5.15 -9.81
C TRP A 607 11.59 -5.51 -9.07
N VAL A 608 11.38 -6.01 -7.85
CA VAL A 608 12.47 -6.39 -6.92
C VAL A 608 13.03 -7.71 -7.41
N SER A 609 14.33 -7.74 -7.66
CA SER A 609 14.99 -8.87 -8.34
C SER A 609 16.49 -8.73 -8.19
N ASN A 610 17.19 -9.86 -8.19
CA ASN A 610 18.64 -9.83 -8.47
C ASN A 610 18.90 -10.70 -9.69
N HIS A 611 17.91 -10.81 -10.58
CA HIS A 611 18.14 -11.54 -11.83
C HIS A 611 18.46 -12.99 -11.56
N GLY A 612 17.86 -13.62 -10.53
CA GLY A 612 18.13 -15.05 -10.29
C GLY A 612 19.59 -15.30 -9.95
N ALA A 613 20.20 -14.35 -9.28
CA ALA A 613 21.64 -14.41 -8.87
C ALA A 613 22.59 -14.48 -10.06
N ARG A 614 22.12 -14.12 -11.25
CA ARG A 614 22.97 -14.17 -12.45
C ARG A 614 23.79 -12.90 -12.64
N GLN A 615 23.63 -11.89 -11.79
CA GLN A 615 24.27 -10.58 -11.95
C GLN A 615 25.22 -10.35 -10.76
N LEU A 616 24.99 -9.35 -9.94
CA LEU A 616 26.01 -9.05 -8.91
C LEU A 616 26.11 -10.18 -7.89
N TYR A 617 27.34 -10.60 -7.67
CA TYR A 617 27.75 -11.64 -6.71
C TYR A 617 28.01 -11.05 -5.34
N GLU A 618 27.83 -11.88 -4.31
CA GLU A 618 28.14 -11.49 -2.92
C GLU A 618 27.24 -10.34 -2.50
N ALA A 619 26.00 -10.46 -2.92
CA ALA A 619 24.85 -9.57 -2.63
C ALA A 619 23.84 -10.37 -1.82
N PRO A 620 22.86 -9.69 -1.21
CA PRO A 620 21.86 -10.39 -0.41
C PRO A 620 20.94 -11.30 -1.23
N GLY A 621 20.35 -12.28 -0.54
CA GLY A 621 19.23 -13.00 -1.12
C GLY A 621 18.08 -12.05 -1.34
N SER A 622 17.41 -12.17 -2.48
CA SER A 622 16.45 -11.16 -2.94
C SER A 622 15.33 -10.93 -1.92
N PHE A 623 14.81 -12.01 -1.32
CA PHE A 623 13.70 -11.90 -0.36
C PHE A 623 14.10 -11.05 0.84
N ASP A 624 15.35 -11.09 1.27
CA ASP A 624 15.78 -10.27 2.42
C ASP A 624 15.71 -8.78 2.12
N THR A 625 15.72 -8.37 0.86
CA THR A 625 15.71 -6.93 0.48
C THR A 625 14.27 -6.41 0.39
N LEU A 626 13.29 -7.30 0.31
CA LEU A 626 11.90 -6.90 -0.05
C LEU A 626 11.29 -6.00 0.98
N PRO A 627 11.29 -6.32 2.29
CA PRO A 627 10.61 -5.45 3.22
C PRO A 627 11.07 -4.00 3.19
N ALA A 628 12.35 -3.75 3.13
CA ALA A 628 12.85 -2.37 3.13
C ALA A 628 12.36 -1.65 1.86
N ILE A 629 12.33 -2.33 0.75
CA ILE A 629 11.83 -1.70 -0.49
C ILE A 629 10.33 -1.45 -0.35
N ALA A 630 9.56 -2.41 0.12
CA ALA A 630 8.10 -2.21 0.26
C ALA A 630 7.82 -1.05 1.20
N GLU A 631 8.55 -0.92 2.31
CA GLU A 631 8.29 0.17 3.27
C GLU A 631 8.59 1.52 2.59
N ARG A 632 9.62 1.60 1.75
CA ARG A 632 9.97 2.86 1.07
C ARG A 632 8.93 3.15 -0.03
N VAL A 633 8.55 2.17 -0.82
CA VAL A 633 7.50 2.36 -1.85
C VAL A 633 6.22 2.82 -1.20
N ASN A 634 5.87 2.24 -0.05
CA ASN A 634 4.71 2.68 0.73
C ASN A 634 3.48 2.84 -0.17
N LYS A 635 3.18 1.81 -0.97
CA LYS A 635 1.91 1.64 -1.71
C LYS A 635 1.89 2.51 -2.98
N ARG A 636 2.95 3.24 -3.26
CA ARG A 636 2.87 4.24 -4.38
C ARG A 636 2.64 3.56 -5.70
N VAL A 637 3.26 2.41 -5.94
CA VAL A 637 3.16 1.65 -7.19
C VAL A 637 3.19 0.18 -6.81
N PRO A 638 2.67 -0.70 -7.68
CA PRO A 638 2.74 -2.13 -7.47
C PRO A 638 4.19 -2.63 -7.47
N ILE A 639 4.39 -3.66 -6.69
CA ILE A 639 5.69 -4.38 -6.58
C ILE A 639 5.53 -5.78 -7.14
N VAL A 640 6.41 -6.13 -8.06
CA VAL A 640 6.66 -7.51 -8.48
C VAL A 640 7.93 -7.97 -7.78
N PHE A 641 7.92 -9.17 -7.23
CA PHE A 641 9.10 -9.78 -6.58
C PHE A 641 9.55 -11.01 -7.35
N ASP A 642 10.85 -11.15 -7.54
CA ASP A 642 11.39 -12.44 -8.01
C ASP A 642 12.78 -12.65 -7.42
N SER A 643 13.27 -13.85 -7.75
CA SER A 643 14.64 -14.40 -7.58
C SER A 643 14.60 -15.41 -6.45
N GLY A 644 14.25 -16.65 -6.79
CA GLY A 644 14.28 -17.77 -5.86
C GLY A 644 12.93 -18.35 -5.51
N VAL A 645 11.83 -17.91 -6.10
CA VAL A 645 10.49 -18.49 -5.75
C VAL A 645 10.43 -19.94 -6.25
N ARG A 646 10.21 -20.87 -5.34
CA ARG A 646 10.22 -22.31 -5.68
C ARG A 646 8.98 -23.03 -5.11
N ARG A 647 8.28 -22.41 -4.18
CA ARG A 647 7.16 -23.08 -3.46
C ARG A 647 6.00 -22.12 -3.27
N GLY A 648 4.80 -22.64 -3.06
CA GLY A 648 3.69 -21.78 -2.64
C GLY A 648 3.96 -20.97 -1.39
N GLU A 649 4.73 -21.52 -0.47
CA GLU A 649 5.06 -20.76 0.77
C GLU A 649 5.85 -19.50 0.41
N HIS A 650 6.62 -19.55 -0.67
CA HIS A 650 7.45 -18.39 -1.06
C HIS A 650 6.55 -17.29 -1.62
N VAL A 651 5.56 -17.70 -2.42
CA VAL A 651 4.55 -16.74 -2.92
C VAL A 651 3.85 -16.06 -1.75
N ALA A 652 3.40 -16.83 -0.77
CA ALA A 652 2.70 -16.29 0.39
C ALA A 652 3.62 -15.33 1.15
N LYS A 653 4.85 -15.73 1.37
CA LYS A 653 5.79 -14.88 2.17
C LYS A 653 6.09 -13.58 1.42
N ALA A 654 6.21 -13.61 0.11
CA ALA A 654 6.44 -12.38 -0.66
C ALA A 654 5.24 -11.45 -0.50
N LEU A 655 4.02 -11.97 -0.65
CA LEU A 655 2.82 -11.10 -0.51
C LEU A 655 2.72 -10.55 0.89
N ALA A 656 2.97 -11.38 1.89
CA ALA A 656 2.94 -10.91 3.29
C ALA A 656 3.94 -9.78 3.53
N SER A 657 4.99 -9.73 2.72
CA SER A 657 6.15 -8.81 2.89
C SER A 657 6.04 -7.60 1.95
N GLY A 658 4.95 -7.43 1.18
CA GLY A 658 4.76 -6.19 0.39
C GLY A 658 4.69 -6.42 -1.10
N ALA A 659 4.98 -7.60 -1.64
CA ALA A 659 4.86 -7.83 -3.09
C ALA A 659 3.38 -7.95 -3.48
N ASP A 660 3.01 -7.45 -4.63
CA ASP A 660 1.63 -7.67 -5.17
C ASP A 660 1.55 -9.01 -5.91
N VAL A 661 2.59 -9.37 -6.66
CA VAL A 661 2.73 -10.69 -7.32
C VAL A 661 4.20 -11.04 -7.27
N VAL A 662 4.48 -12.29 -7.57
CA VAL A 662 5.87 -12.74 -7.79
C VAL A 662 6.03 -13.08 -9.26
N ALA A 663 7.24 -13.17 -9.72
CA ALA A 663 7.51 -13.71 -11.05
C ALA A 663 8.26 -15.00 -10.94
N LEU A 664 7.89 -15.98 -11.75
CA LEU A 664 8.49 -17.31 -11.81
C LEU A 664 9.46 -17.42 -12.98
N GLY A 665 10.57 -18.12 -12.75
CA GLY A 665 11.61 -18.25 -13.76
C GLY A 665 12.08 -19.65 -14.02
N ARG A 666 13.22 -19.99 -13.42
CA ARG A 666 13.83 -21.30 -13.65
C ARG A 666 12.85 -22.46 -13.59
N PRO A 667 12.03 -22.63 -12.56
CA PRO A 667 11.16 -23.81 -12.53
C PRO A 667 10.30 -23.96 -13.78
N VAL A 668 9.79 -22.87 -14.30
CA VAL A 668 8.94 -22.91 -15.52
C VAL A 668 9.81 -23.37 -16.69
N LEU A 669 11.03 -22.84 -16.82
CA LEU A 669 11.87 -23.26 -17.96
C LEU A 669 12.20 -24.74 -17.82
N PHE A 670 12.46 -25.24 -16.62
CA PHE A 670 12.76 -26.67 -16.44
C PHE A 670 11.55 -27.51 -16.85
N GLY A 671 10.36 -27.05 -16.48
CA GLY A 671 9.10 -27.66 -16.95
C GLY A 671 9.02 -27.67 -18.46
N LEU A 672 9.32 -26.55 -19.08
CA LEU A 672 9.34 -26.48 -20.56
C LEU A 672 10.29 -27.53 -21.10
N ALA A 673 11.49 -27.64 -20.55
CA ALA A 673 12.47 -28.62 -21.05
C ALA A 673 11.85 -30.02 -21.03
N LEU A 674 11.15 -30.33 -19.94
CA LEU A 674 10.71 -31.71 -19.65
C LEU A 674 9.42 -32.02 -20.41
N GLY A 675 8.64 -31.02 -20.81
CA GLY A 675 7.31 -31.35 -21.39
C GLY A 675 6.77 -30.29 -22.34
N GLY A 676 7.57 -29.35 -22.79
CA GLY A 676 7.10 -28.25 -23.63
C GLY A 676 5.98 -27.49 -22.95
N TRP A 677 5.00 -27.01 -23.67
CA TRP A 677 4.01 -26.11 -23.03
C TRP A 677 3.28 -26.86 -21.91
N GLN A 678 3.04 -28.15 -22.06
CA GLN A 678 2.29 -28.91 -21.04
C GLN A 678 3.14 -29.05 -19.77
N GLY A 679 4.45 -29.21 -19.92
CA GLY A 679 5.35 -29.27 -18.76
C GLY A 679 5.43 -27.93 -18.03
N ALA A 680 5.57 -26.85 -18.78
CA ALA A 680 5.58 -25.49 -18.21
C ALA A 680 4.25 -25.26 -17.51
N TYR A 681 3.16 -25.67 -18.13
CA TYR A 681 1.81 -25.51 -17.54
C TYR A 681 1.75 -26.28 -16.23
N SER A 682 2.27 -27.50 -16.21
CA SER A 682 2.30 -28.36 -15.01
C SER A 682 2.96 -27.59 -13.85
N VAL A 683 4.00 -26.83 -14.14
CA VAL A 683 4.69 -26.05 -13.07
C VAL A 683 3.79 -24.93 -12.59
N LEU A 684 3.13 -24.20 -13.49
CA LEU A 684 2.21 -23.13 -13.05
C LEU A 684 1.08 -23.72 -12.23
N ASP A 685 0.53 -24.85 -12.67
CA ASP A 685 -0.56 -25.53 -11.94
C ASP A 685 -0.06 -25.94 -10.55
N TYR A 686 1.15 -26.51 -10.48
CA TYR A 686 1.78 -26.88 -9.20
C TYR A 686 1.78 -25.65 -8.27
N PHE A 687 2.25 -24.50 -8.73
CA PHE A 687 2.33 -23.32 -7.86
C PHE A 687 0.95 -22.90 -7.39
N GLN A 688 -0.05 -22.96 -8.26
CA GLN A 688 -1.42 -22.55 -7.85
C GLN A 688 -1.90 -23.50 -6.76
N LYS A 689 -1.76 -24.80 -6.92
CA LYS A 689 -2.24 -25.81 -5.94
C LYS A 689 -1.45 -25.70 -4.65
N ASP A 690 -0.14 -25.50 -4.76
CA ASP A 690 0.76 -25.34 -3.59
C ASP A 690 0.32 -24.12 -2.80
N LEU A 691 0.13 -22.99 -3.46
CA LEU A 691 -0.36 -21.79 -2.77
C LEU A 691 -1.71 -22.04 -2.10
N THR A 692 -2.62 -22.74 -2.76
CA THR A 692 -3.98 -22.97 -2.21
C THR A 692 -3.85 -23.70 -0.88
N ARG A 693 -2.98 -24.70 -0.81
CA ARG A 693 -2.76 -25.42 0.47
C ARG A 693 -2.31 -24.40 1.52
N VAL A 694 -1.28 -23.63 1.19
CA VAL A 694 -0.67 -22.69 2.15
C VAL A 694 -1.72 -21.69 2.60
N MET A 695 -2.60 -21.25 1.71
CA MET A 695 -3.69 -20.33 2.08
C MET A 695 -4.62 -21.01 3.09
N GLN A 696 -5.02 -22.24 2.83
CA GLN A 696 -5.92 -22.92 3.78
C GLN A 696 -5.23 -23.01 5.15
N LEU A 697 -3.94 -23.39 5.20
CA LEU A 697 -3.33 -23.68 6.54
C LEU A 697 -2.95 -22.37 7.26
N THR A 698 -2.85 -21.24 6.55
CA THR A 698 -2.52 -19.95 7.16
C THR A 698 -3.76 -19.13 7.49
N GLY A 699 -4.95 -19.62 7.16
CA GLY A 699 -6.23 -18.91 7.44
C GLY A 699 -6.53 -17.81 6.44
N SER A 700 -6.05 -17.99 5.22
CA SER A 700 -6.17 -17.01 4.13
C SER A 700 -7.23 -17.44 3.11
N GLN A 701 -8.34 -16.72 3.05
CA GLN A 701 -9.42 -17.08 2.09
C GLN A 701 -9.10 -16.54 0.69
N ASN A 702 -8.32 -15.49 0.62
CA ASN A 702 -8.02 -14.80 -0.66
C ASN A 702 -6.62 -14.19 -0.61
N VAL A 703 -6.21 -13.65 -1.74
CA VAL A 703 -4.85 -13.10 -1.87
C VAL A 703 -4.70 -11.88 -0.97
N GLU A 704 -5.73 -11.07 -0.78
CA GLU A 704 -5.58 -9.92 0.13
C GLU A 704 -5.26 -10.41 1.54
N ASP A 705 -5.88 -11.50 1.97
CA ASP A 705 -5.62 -12.02 3.33
C ASP A 705 -4.12 -12.35 3.47
N LEU A 706 -3.49 -12.88 2.42
CA LEU A 706 -2.04 -13.22 2.46
C LEU A 706 -1.23 -11.98 2.74
N LYS A 707 -1.67 -10.82 2.23
CA LYS A 707 -0.92 -9.57 2.40
C LYS A 707 -0.91 -9.17 3.87
N GLY A 708 -1.89 -9.60 4.67
CA GLY A 708 -2.00 -9.29 6.10
C GLY A 708 -1.30 -10.28 7.00
N LEU A 709 -0.57 -11.28 6.49
CA LEU A 709 0.07 -12.29 7.40
C LEU A 709 1.26 -11.71 8.16
N ASP A 710 1.33 -12.04 9.45
CA ASP A 710 2.57 -11.87 10.23
C ASP A 710 3.43 -13.11 10.06
N LEU A 711 4.74 -12.90 9.94
CA LEU A 711 5.73 -13.96 9.80
C LEU A 711 6.58 -14.02 11.06
N PHE A 712 7.01 -15.22 11.36
CA PHE A 712 7.89 -15.50 12.50
C PHE A 712 9.32 -15.15 12.10
N ASP A 713 10.00 -14.32 12.87
CA ASP A 713 11.42 -14.01 12.59
C ASP A 713 12.31 -15.13 13.07
N ASN A 714 13.11 -15.70 12.18
CA ASN A 714 14.05 -16.76 12.51
C ASN A 714 15.47 -16.20 12.47
N PRO A 715 16.05 -15.79 13.59
CA PRO A 715 17.38 -15.17 13.59
C PRO A 715 18.51 -16.19 13.45
N TYR A 716 18.21 -17.48 13.54
CA TYR A 716 19.19 -18.57 13.40
C TYR A 716 19.46 -18.84 11.92
N GLY A 717 18.59 -18.42 11.04
CA GLY A 717 18.73 -18.65 9.58
C GLY A 717 18.64 -20.13 9.26
N TYR A 718 19.32 -20.58 8.22
CA TYR A 718 19.03 -21.89 7.57
C TYR A 718 19.30 -23.11 8.46
N GLU A 719 20.42 -23.13 9.18
CA GLU A 719 20.78 -24.30 9.97
C GLU A 719 19.98 -24.37 11.28
N TYR A 720 19.30 -23.30 11.66
CA TYR A 720 18.38 -23.31 12.85
C TYR A 720 19.02 -23.67 14.21
N GLU B 353 -28.94 27.72 28.37
CA GLU B 353 -28.04 28.49 29.27
C GLU B 353 -26.57 28.42 28.80
N TYR B 354 -26.29 28.63 27.51
CA TYR B 354 -24.90 28.45 26.98
C TYR B 354 -24.52 29.55 25.98
N ASN B 355 -23.57 30.39 26.37
CA ASN B 355 -23.21 31.61 25.61
C ASN B 355 -21.94 31.35 24.77
N ALA B 356 -22.09 30.58 23.71
CA ALA B 356 -21.00 30.34 22.76
C ALA B 356 -20.65 31.61 22.02
N PRO B 357 -19.37 31.75 21.64
CA PRO B 357 -18.95 32.83 20.74
C PRO B 357 -19.77 32.82 19.44
N SER B 358 -19.91 33.98 18.78
CA SER B 358 -20.70 34.10 17.52
C SER B 358 -19.97 34.94 16.49
N GLU B 359 -18.84 35.53 16.85
CA GLU B 359 -18.09 36.38 15.91
C GLU B 359 -17.52 35.55 14.77
N ILE B 360 -17.53 36.11 13.58
CA ILE B 360 -16.96 35.46 12.38
C ILE B 360 -15.82 36.32 11.86
N LYS B 361 -14.61 35.78 11.84
CA LYS B 361 -13.43 36.50 11.32
C LYS B 361 -12.33 35.51 10.97
N TYR B 362 -11.48 35.91 10.05
CA TYR B 362 -10.22 35.18 9.81
C TYR B 362 -9.26 35.43 10.96
N ILE B 363 -8.34 34.49 11.14
CA ILE B 363 -7.31 34.52 12.22
C ILE B 363 -5.96 34.29 11.57
N ASP B 364 -4.94 34.98 12.08
CA ASP B 364 -3.55 34.83 11.61
C ASP B 364 -2.90 33.73 12.43
N VAL B 365 -2.92 32.49 11.95
CA VAL B 365 -2.52 31.33 12.77
C VAL B 365 -1.00 31.24 12.67
N VAL B 366 -0.34 31.43 13.79
CA VAL B 366 1.14 31.28 13.90
C VAL B 366 1.43 29.78 14.13
N ASN B 367 0.67 29.20 15.04
CA ASN B 367 0.73 27.74 15.34
C ASN B 367 -0.62 27.36 15.94
N THR B 368 -0.96 26.08 15.91
CA THR B 368 -2.28 25.67 16.45
C THR B 368 -2.27 25.53 17.96
N TYR B 369 -1.11 25.43 18.61
CA TYR B 369 -1.08 25.22 20.07
C TYR B 369 -1.65 26.44 20.79
N ASP B 370 -1.30 27.64 20.29
CA ASP B 370 -1.73 28.90 20.90
C ASP B 370 -3.25 29.06 20.75
N LEU B 371 -3.92 28.34 19.86
CA LEU B 371 -5.39 28.47 19.68
C LEU B 371 -6.10 27.95 20.93
N GLU B 372 -5.51 27.01 21.67
CA GLU B 372 -6.17 26.42 22.85
C GLU B 372 -6.34 27.51 23.91
N GLU B 373 -5.26 28.15 24.34
CA GLU B 373 -5.33 29.22 25.35
C GLU B 373 -6.24 30.33 24.82
N GLU B 374 -6.11 30.69 23.55
CA GLU B 374 -6.96 31.75 22.95
C GLU B 374 -8.43 31.31 23.03
N ALA B 375 -9.28 32.16 23.63
CA ALA B 375 -10.78 32.14 23.64
C ALA B 375 -11.42 32.28 25.06
N SER B 376 -10.82 31.83 26.17
CA SER B 376 -11.74 31.77 27.34
C SER B 376 -11.80 33.10 28.10
N LYS B 377 -12.54 34.09 27.56
CA LYS B 377 -13.01 35.27 28.36
C LYS B 377 -14.44 35.68 27.97
N VAL B 378 -15.14 34.86 27.16
CA VAL B 378 -16.63 34.72 27.12
C VAL B 378 -16.98 33.22 27.04
N VAL B 379 -15.96 32.37 26.84
CA VAL B 379 -16.04 31.08 26.08
C VAL B 379 -16.12 29.87 26.98
N PRO B 380 -17.32 29.35 27.16
CA PRO B 380 -17.74 28.95 28.49
C PRO B 380 -16.84 27.86 29.07
N HIS B 381 -16.50 28.01 30.34
CA HIS B 381 -15.55 27.13 31.06
C HIS B 381 -15.92 25.66 30.84
N GLY B 382 -17.15 25.26 31.09
CA GLY B 382 -17.47 23.82 31.03
C GLY B 382 -17.34 23.26 29.63
N GLY B 383 -17.86 23.97 28.63
CA GLY B 383 -17.73 23.53 27.25
C GLY B 383 -16.28 23.56 26.77
N PHE B 384 -15.50 24.55 27.18
CA PHE B 384 -14.06 24.62 26.80
C PHE B 384 -13.38 23.34 27.27
N ASN B 385 -13.63 23.00 28.52
CA ASN B 385 -12.92 21.86 29.18
C ASN B 385 -13.46 20.55 28.60
N TYR B 386 -14.71 20.51 28.17
CA TYR B 386 -15.23 19.36 27.42
C TYR B 386 -14.42 19.15 26.14
N ILE B 387 -14.11 20.21 25.43
CA ILE B 387 -13.40 20.13 24.13
C ILE B 387 -11.93 19.79 24.41
N ALA B 388 -11.30 20.52 25.32
CA ALA B 388 -9.84 20.44 25.46
C ALA B 388 -9.43 19.18 26.22
N GLY B 389 -10.25 18.72 27.15
CA GLY B 389 -9.79 17.70 28.12
C GLY B 389 -9.65 16.32 27.51
N ALA B 390 -9.14 15.42 28.32
CA ALA B 390 -8.88 14.03 27.93
C ALA B 390 -8.94 13.16 29.20
N SER B 391 -8.68 11.89 29.02
CA SER B 391 -8.89 10.92 30.13
C SER B 391 -7.79 11.06 31.18
N GLY B 392 -8.15 10.72 32.39
CA GLY B 392 -7.21 10.67 33.51
C GLY B 392 -6.54 12.00 33.72
N ASP B 393 -5.21 12.01 33.89
CA ASP B 393 -4.42 13.24 34.06
C ASP B 393 -3.91 13.71 32.67
N GLU B 394 -4.44 13.14 31.59
CA GLU B 394 -4.17 13.58 30.20
C GLU B 394 -2.78 13.15 29.76
N TRP B 395 -2.15 12.20 30.46
CA TRP B 395 -0.81 11.71 30.05
C TRP B 395 -0.89 11.16 28.62
N THR B 396 -1.96 10.50 28.20
CA THR B 396 -2.03 9.92 26.85
C THR B 396 -2.29 11.05 25.82
N LYS B 397 -2.95 12.14 26.19
CA LYS B 397 -3.05 13.30 25.27
C LYS B 397 -1.64 13.89 25.08
N ARG B 398 -0.88 13.99 26.15
CA ARG B 398 0.52 14.46 26.07
C ARG B 398 1.30 13.46 25.22
N ALA B 399 1.05 12.16 25.33
CA ALA B 399 1.75 11.13 24.57
C ALA B 399 1.46 11.31 23.07
N ASN B 400 0.19 11.62 22.74
CA ASN B 400 -0.20 11.85 21.33
C ASN B 400 0.68 12.95 20.74
N ASP B 401 0.92 13.98 21.53
CA ASP B 401 1.71 15.13 21.07
C ASP B 401 3.20 14.81 21.05
N ARG B 402 3.70 14.17 22.09
CA ARG B 402 5.18 13.90 22.18
C ARG B 402 5.58 12.80 21.23
N ALA B 403 4.65 11.95 20.77
CA ALA B 403 4.99 10.86 19.83
C ALA B 403 5.62 11.42 18.54
N TRP B 404 5.27 12.65 18.15
CA TRP B 404 5.80 13.24 16.89
C TRP B 404 7.31 13.42 17.01
N LYS B 405 7.84 13.52 18.23
CA LYS B 405 9.31 13.67 18.38
C LYS B 405 10.03 12.33 18.34
N HIS B 406 9.33 11.21 18.19
CA HIS B 406 9.96 9.89 18.14
C HIS B 406 10.57 9.57 16.78
N LYS B 407 10.02 10.21 15.75
CA LYS B 407 10.42 10.01 14.36
C LYS B 407 10.56 11.38 13.72
N LEU B 408 11.78 11.74 13.34
CA LEU B 408 12.07 13.15 12.97
C LEU B 408 12.29 13.25 11.47
N LEU B 409 11.93 14.37 10.90
CA LEU B 409 12.08 14.57 9.44
C LEU B 409 13.54 14.97 9.13
N TYR B 410 14.04 14.50 8.00
CA TYR B 410 15.29 15.02 7.40
C TYR B 410 14.99 16.11 6.39
N PRO B 411 15.70 17.25 6.48
CA PRO B 411 15.71 18.17 5.34
C PRO B 411 16.45 17.43 4.25
N ARG B 412 16.02 17.66 3.01
CA ARG B 412 16.64 16.98 1.86
C ARG B 412 16.96 18.07 0.83
N LEU B 413 18.14 17.99 0.23
CA LEU B 413 18.72 19.09 -0.56
C LEU B 413 18.84 18.67 -2.02
N ALA B 414 18.79 19.71 -2.88
CA ALA B 414 18.88 19.63 -4.35
C ALA B 414 17.98 18.52 -4.89
N GLN B 415 16.70 18.54 -4.47
CA GLN B 415 15.72 17.48 -4.77
C GLN B 415 14.96 17.74 -6.05
N ASP B 416 15.18 18.92 -6.67
CA ASP B 416 14.55 19.33 -7.96
C ASP B 416 13.03 19.54 -7.76
N VAL B 417 12.64 20.23 -6.69
CA VAL B 417 11.23 20.45 -6.28
C VAL B 417 10.93 21.94 -6.23
N GLU B 418 9.76 22.34 -6.72
CA GLU B 418 9.22 23.68 -6.41
C GLU B 418 7.69 23.61 -6.51
N ALA B 419 7.02 24.51 -5.79
CA ALA B 419 5.55 24.62 -5.80
C ALA B 419 4.99 23.23 -5.57
N PRO B 420 5.23 22.65 -4.38
CA PRO B 420 4.65 21.36 -4.10
C PRO B 420 3.12 21.43 -4.25
N ASP B 421 2.61 20.32 -4.66
CA ASP B 421 1.15 20.12 -4.82
C ASP B 421 0.66 19.31 -3.62
N THR B 422 -0.23 19.85 -2.80
CA THR B 422 -0.76 19.16 -1.60
C THR B 422 -1.96 18.27 -1.94
N SER B 423 -2.46 18.28 -3.17
CA SER B 423 -3.72 17.57 -3.48
C SER B 423 -3.54 16.05 -3.38
N THR B 424 -4.61 15.36 -3.06
CA THR B 424 -4.62 13.89 -3.07
C THR B 424 -6.04 13.39 -3.37
N GLU B 425 -6.21 12.10 -3.44
CA GLU B 425 -7.51 11.49 -3.75
C GLU B 425 -7.76 10.44 -2.68
N ILE B 426 -8.96 10.37 -2.15
CA ILE B 426 -9.35 9.24 -1.28
C ILE B 426 -10.77 8.82 -1.61
N LEU B 427 -10.97 7.52 -1.84
CA LEU B 427 -12.30 6.93 -2.14
C LEU B 427 -13.05 7.83 -3.13
N GLY B 428 -12.38 8.19 -4.23
CA GLY B 428 -12.98 8.89 -5.38
C GLY B 428 -13.20 10.37 -5.14
N HIS B 429 -12.67 10.95 -4.08
CA HIS B 429 -12.76 12.41 -3.85
C HIS B 429 -11.35 12.98 -4.08
N LYS B 430 -11.18 13.93 -5.00
CA LYS B 430 -9.94 14.73 -5.02
C LYS B 430 -10.09 15.83 -3.97
N ILE B 431 -9.11 15.96 -3.06
CA ILE B 431 -9.16 16.94 -1.96
C ILE B 431 -7.89 17.79 -2.02
N LYS B 432 -7.99 18.99 -1.49
CA LYS B 432 -6.97 20.04 -1.69
C LYS B 432 -5.67 19.70 -0.95
N ALA B 433 -5.75 18.94 0.15
CA ALA B 433 -4.60 18.62 1.00
C ALA B 433 -4.95 17.28 1.64
N PRO B 434 -3.95 16.52 2.13
CA PRO B 434 -4.22 15.17 2.64
C PRO B 434 -4.68 15.17 4.10
N PHE B 435 -5.69 15.97 4.37
CA PHE B 435 -6.32 16.05 5.70
C PHE B 435 -7.81 16.28 5.48
N ILE B 436 -8.58 15.75 6.39
CA ILE B 436 -10.07 15.81 6.41
C ILE B 436 -10.47 16.27 7.80
N MET B 437 -11.74 16.61 7.97
CA MET B 437 -12.25 17.00 9.28
C MET B 437 -12.70 15.75 10.03
N ALA B 438 -12.20 15.58 11.25
CA ALA B 438 -12.59 14.44 12.09
C ALA B 438 -14.04 14.63 12.52
N PRO B 439 -14.76 13.53 12.76
CA PRO B 439 -16.12 13.63 13.31
C PRO B 439 -16.07 14.04 14.77
N ILE B 440 -16.69 15.17 15.10
CA ILE B 440 -16.71 15.74 16.45
C ILE B 440 -18.13 16.16 16.75
N ALA B 441 -18.60 15.73 17.91
CA ALA B 441 -19.91 16.03 18.52
C ALA B 441 -20.00 17.52 18.85
N ALA B 442 -21.19 18.09 18.86
CA ALA B 442 -21.46 19.27 19.70
C ALA B 442 -20.54 20.49 19.38
N HIS B 443 -20.37 20.87 18.12
CA HIS B 443 -19.53 22.05 17.73
C HIS B 443 -20.17 23.32 18.30
N GLY B 444 -21.45 23.24 18.66
CA GLY B 444 -22.12 24.36 19.31
C GLY B 444 -21.48 24.76 20.63
N LEU B 445 -20.68 23.89 21.27
CA LEU B 445 -19.92 24.32 22.46
C LEU B 445 -18.87 25.37 22.09
N ALA B 446 -18.37 25.36 20.86
CA ALA B 446 -17.30 26.27 20.40
C ALA B 446 -17.89 27.52 19.76
N HIS B 447 -18.99 27.40 19.01
CA HIS B 447 -19.50 28.57 18.25
C HIS B 447 -20.98 28.41 17.97
N THR B 448 -21.72 29.53 17.96
CA THR B 448 -23.17 29.51 17.69
C THR B 448 -23.50 28.89 16.33
N THR B 449 -22.62 28.96 15.32
CA THR B 449 -22.90 28.39 13.98
C THR B 449 -22.60 26.89 13.94
N LYS B 450 -22.04 26.37 15.04
CA LYS B 450 -21.90 24.92 15.30
C LYS B 450 -21.36 24.23 14.04
N GLU B 451 -21.86 23.03 13.72
CA GLU B 451 -21.32 22.15 12.68
C GLU B 451 -21.48 22.82 11.31
N ALA B 452 -22.49 23.68 11.16
CA ALA B 452 -22.69 24.41 9.87
C ALA B 452 -21.49 25.34 9.61
N GLY B 453 -20.97 25.98 10.64
CA GLY B 453 -19.75 26.79 10.53
C GLY B 453 -18.57 25.94 10.10
N THR B 454 -18.37 24.80 10.76
CA THR B 454 -17.21 23.95 10.37
C THR B 454 -17.37 23.46 8.94
N ALA B 455 -18.58 23.00 8.58
CA ALA B 455 -18.87 22.45 7.25
C ALA B 455 -18.55 23.51 6.18
N ARG B 456 -18.90 24.77 6.43
CA ARG B 456 -18.62 25.82 5.42
C ARG B 456 -17.10 26.00 5.23
N ALA B 457 -16.35 25.99 6.32
CA ALA B 457 -14.87 26.06 6.25
C ALA B 457 -14.33 24.90 5.44
N VAL B 458 -14.73 23.68 5.80
CA VAL B 458 -14.23 22.44 5.19
C VAL B 458 -14.54 22.42 3.70
N SER B 459 -15.77 22.75 3.36
CA SER B 459 -16.23 22.77 1.95
C SER B 459 -15.51 23.88 1.18
N GLU B 460 -15.39 25.09 1.74
CA GLU B 460 -14.75 26.21 1.04
C GLU B 460 -13.26 25.92 0.85
N PHE B 461 -12.65 25.24 1.83
CA PHE B 461 -11.24 24.83 1.71
C PHE B 461 -11.08 23.77 0.63
N GLY B 462 -11.96 22.78 0.55
CA GLY B 462 -11.88 21.71 -0.45
C GLY B 462 -11.44 20.37 0.12
N THR B 463 -11.98 19.97 1.25
CA THR B 463 -11.78 18.59 1.73
C THR B 463 -13.10 18.02 2.23
N ILE B 464 -13.03 16.94 2.98
CA ILE B 464 -14.19 16.09 3.37
C ILE B 464 -14.59 16.42 4.80
N MET B 465 -15.88 16.63 4.98
CA MET B 465 -16.46 16.89 6.30
C MET B 465 -16.91 15.55 6.86
N SER B 466 -16.50 15.19 8.05
CA SER B 466 -17.04 14.03 8.77
C SER B 466 -18.09 14.53 9.74
N ILE B 467 -19.30 13.98 9.66
CA ILE B 467 -20.45 14.38 10.49
C ILE B 467 -20.64 13.37 11.60
N SER B 468 -20.54 13.83 12.82
CA SER B 468 -20.78 13.08 14.06
C SER B 468 -22.27 12.73 14.18
N ALA B 469 -22.54 11.48 14.64
CA ALA B 469 -23.86 11.04 15.14
C ALA B 469 -24.33 12.00 16.23
N TYR B 470 -23.42 12.58 17.01
CA TYR B 470 -23.84 13.44 18.13
C TYR B 470 -23.76 14.93 17.72
N SER B 471 -23.97 15.28 16.43
CA SER B 471 -24.02 16.69 15.98
C SER B 471 -25.12 17.45 16.71
N GLY B 472 -24.88 18.70 17.10
CA GLY B 472 -25.94 19.55 17.65
C GLY B 472 -26.75 20.21 16.54
N ALA B 473 -26.19 20.26 15.34
CA ALA B 473 -26.86 20.82 14.13
C ALA B 473 -27.70 19.74 13.47
N THR B 474 -28.82 20.19 12.91
CA THR B 474 -29.64 19.39 11.98
C THR B 474 -28.79 19.14 10.74
N PHE B 475 -29.06 18.07 10.01
CA PHE B 475 -28.41 17.88 8.69
C PHE B 475 -28.71 19.08 7.77
N GLU B 476 -29.92 19.62 7.81
CA GLU B 476 -30.25 20.71 6.87
C GLU B 476 -29.36 21.92 7.20
N GLU B 477 -29.06 22.15 8.48
CA GLU B 477 -28.10 23.22 8.87
C GLU B 477 -26.72 22.83 8.32
N ILE B 478 -26.28 21.59 8.51
CA ILE B 478 -24.91 21.15 8.07
C ILE B 478 -24.84 21.26 6.54
N SER B 479 -25.87 20.77 5.86
CA SER B 479 -26.00 20.79 4.39
C SER B 479 -25.86 22.21 3.84
N GLU B 480 -26.47 23.21 4.48
CA GLU B 480 -26.39 24.63 4.06
C GLU B 480 -24.93 25.08 4.12
N GLY B 481 -24.19 24.66 5.14
CA GLY B 481 -22.76 24.99 5.23
C GLY B 481 -21.95 24.28 4.16
N LEU B 482 -22.26 23.01 3.89
CA LEU B 482 -21.49 22.17 2.96
C LEU B 482 -21.63 22.65 1.52
N ASN B 483 -22.82 23.14 1.12
CA ASN B 483 -23.06 23.63 -0.25
C ASN B 483 -22.53 22.63 -1.27
N GLY B 484 -22.90 21.36 -1.11
CA GLY B 484 -22.62 20.25 -2.02
C GLY B 484 -21.28 19.57 -1.76
N GLY B 485 -20.53 20.03 -0.76
CA GLY B 485 -19.20 19.45 -0.48
C GLY B 485 -19.32 18.02 0.00
N PRO B 486 -18.24 17.22 -0.18
CA PRO B 486 -18.27 15.82 0.24
C PRO B 486 -18.38 15.65 1.76
N ARG B 487 -19.10 14.61 2.14
CA ARG B 487 -19.33 14.35 3.58
C ARG B 487 -19.38 12.86 3.87
N TRP B 488 -18.80 12.49 5.01
CA TRP B 488 -18.83 11.12 5.55
C TRP B 488 -19.63 11.16 6.85
N PHE B 489 -20.37 10.11 7.15
CA PHE B 489 -21.19 10.10 8.36
C PHE B 489 -20.56 9.13 9.37
N GLN B 490 -20.40 9.60 10.58
CA GLN B 490 -19.90 8.79 11.73
C GLN B 490 -21.05 8.31 12.60
N ILE B 491 -21.10 7.01 12.82
CA ILE B 491 -22.15 6.39 13.67
C ILE B 491 -21.51 5.73 14.88
N TYR B 492 -22.30 5.58 15.93
CA TYR B 492 -22.05 4.58 16.98
C TYR B 492 -23.01 3.42 16.70
N MET B 493 -22.61 2.17 16.90
CA MET B 493 -23.58 1.04 16.81
C MET B 493 -24.69 1.32 17.82
N ALA B 494 -25.96 1.16 17.43
CA ALA B 494 -27.10 1.19 18.37
C ALA B 494 -27.36 -0.26 18.78
N LYS B 495 -27.82 -0.45 20.02
CA LYS B 495 -28.32 -1.76 20.48
C LYS B 495 -29.51 -2.16 19.58
N ASP B 496 -30.37 -1.20 19.27
CA ASP B 496 -31.57 -1.49 18.43
C ASP B 496 -31.15 -1.56 16.94
N ASP B 497 -31.25 -2.74 16.31
CA ASP B 497 -30.91 -2.89 14.86
C ASP B 497 -31.72 -1.90 14.00
N GLN B 498 -33.01 -1.66 14.29
CA GLN B 498 -33.78 -0.70 13.48
C GLN B 498 -33.15 0.71 13.49
N GLN B 499 -32.62 1.15 14.63
CA GLN B 499 -31.92 2.45 14.76
C GLN B 499 -30.70 2.47 13.82
N ASN B 500 -29.99 1.37 13.70
CA ASN B 500 -28.81 1.30 12.81
C ASN B 500 -29.29 1.38 11.36
N ARG B 501 -30.33 0.63 10.99
CA ARG B 501 -30.90 0.75 9.62
C ARG B 501 -31.35 2.19 9.36
N ASP B 502 -31.98 2.86 10.33
CA ASP B 502 -32.57 4.20 10.12
C ASP B 502 -31.44 5.24 9.97
N ILE B 503 -30.40 5.15 10.80
CA ILE B 503 -29.28 6.14 10.73
C ILE B 503 -28.44 5.91 9.45
N LEU B 504 -28.22 4.68 9.01
CA LEU B 504 -27.51 4.43 7.73
C LEU B 504 -28.36 4.95 6.56
N ASP B 505 -29.67 4.72 6.59
CA ASP B 505 -30.53 5.30 5.55
C ASP B 505 -30.45 6.82 5.56
N GLU B 506 -30.52 7.45 6.73
CA GLU B 506 -30.39 8.93 6.91
C GLU B 506 -29.08 9.40 6.28
N ALA B 507 -27.98 8.73 6.56
CA ALA B 507 -26.66 9.21 6.11
C ALA B 507 -26.60 9.14 4.58
N LYS B 508 -27.13 8.06 4.03
CA LYS B 508 -27.10 7.86 2.56
C LYS B 508 -27.99 8.89 1.84
N SER B 509 -29.20 9.14 2.34
CA SER B 509 -30.13 10.21 1.85
C SER B 509 -29.46 11.58 1.94
N ASP B 510 -28.59 11.77 2.93
CA ASP B 510 -27.87 13.02 3.22
C ASP B 510 -26.59 13.11 2.38
N GLY B 511 -26.36 12.18 1.45
CA GLY B 511 -25.27 12.23 0.46
C GLY B 511 -23.93 11.73 1.00
N ALA B 512 -23.94 11.04 2.14
CA ALA B 512 -22.69 10.45 2.65
C ALA B 512 -22.09 9.53 1.60
N THR B 513 -20.76 9.57 1.47
CA THR B 513 -20.02 8.67 0.55
C THR B 513 -19.11 7.73 1.32
N ALA B 514 -19.19 7.74 2.66
CA ALA B 514 -18.57 6.67 3.49
C ALA B 514 -19.25 6.72 4.84
N ILE B 515 -19.17 5.63 5.59
CA ILE B 515 -19.66 5.53 6.99
C ILE B 515 -18.40 5.32 7.85
N ILE B 516 -18.35 6.01 8.95
CA ILE B 516 -17.25 5.87 9.95
C ILE B 516 -17.86 5.20 11.18
N LEU B 517 -17.57 3.96 11.43
CA LEU B 517 -18.04 3.23 12.61
C LEU B 517 -17.01 3.44 13.72
N THR B 518 -17.33 4.31 14.65
CA THR B 518 -16.46 4.57 15.81
C THR B 518 -16.70 3.47 16.82
N ALA B 519 -15.67 2.70 17.14
CA ALA B 519 -15.85 1.47 17.94
C ALA B 519 -15.11 1.56 19.25
N ASP B 520 -14.49 2.69 19.57
CA ASP B 520 -13.58 2.82 20.75
C ASP B 520 -14.27 3.52 21.91
N SER B 521 -15.60 3.62 21.86
CA SER B 521 -16.37 4.48 22.77
C SER B 521 -17.54 3.68 23.34
N THR B 522 -17.38 2.37 23.52
CA THR B 522 -18.52 1.54 23.99
C THR B 522 -18.91 1.97 25.42
N VAL B 523 -17.99 2.50 26.21
CA VAL B 523 -18.25 3.32 27.41
C VAL B 523 -17.38 4.56 27.32
N SER B 524 -17.67 5.55 28.15
CA SER B 524 -16.92 6.82 28.17
C SER B 524 -15.52 6.62 28.73
N GLY B 525 -14.57 7.42 28.25
CA GLY B 525 -13.31 7.59 28.99
C GLY B 525 -13.53 8.27 30.32
N ASN B 526 -12.54 8.16 31.19
CA ASN B 526 -12.53 8.77 32.54
C ASN B 526 -12.07 10.22 32.38
N ARG B 527 -12.97 11.09 31.92
CA ARG B 527 -12.68 12.51 31.60
C ARG B 527 -12.81 13.37 32.84
N ASP B 528 -11.72 13.44 33.60
CA ASP B 528 -11.74 14.09 34.92
C ASP B 528 -12.25 15.53 34.84
N ARG B 529 -11.88 16.28 33.81
CA ARG B 529 -12.31 17.70 33.71
C ARG B 529 -13.84 17.78 33.75
N ASP B 530 -14.50 16.91 32.99
CA ASP B 530 -15.99 16.93 32.85
C ASP B 530 -16.62 16.57 34.20
N VAL B 531 -16.06 15.58 34.89
CA VAL B 531 -16.53 15.18 36.25
C VAL B 531 -16.37 16.34 37.22
N LYS B 532 -15.20 16.95 37.29
CA LYS B 532 -14.90 18.01 38.28
C LYS B 532 -15.80 19.21 37.99
N ASN B 533 -16.13 19.43 36.71
CA ASN B 533 -16.93 20.58 36.24
C ASN B 533 -18.43 20.26 36.30
N LYS B 534 -18.79 19.00 36.58
CA LYS B 534 -20.20 18.51 36.52
C LYS B 534 -20.80 19.04 35.21
N PHE B 535 -20.13 18.71 34.10
CA PHE B 535 -20.47 19.23 32.76
C PHE B 535 -21.69 18.50 32.22
N VAL B 536 -22.70 19.25 31.78
CA VAL B 536 -23.86 18.66 31.03
C VAL B 536 -23.92 19.32 29.65
N TYR B 537 -24.00 18.50 28.59
CA TYR B 537 -24.32 18.92 27.19
C TYR B 537 -25.56 19.80 27.24
N PRO B 538 -25.50 21.05 26.75
CA PRO B 538 -26.66 21.93 26.83
C PRO B 538 -27.65 21.84 25.66
N PHE B 539 -27.46 20.92 24.74
CA PHE B 539 -28.40 20.86 23.60
C PHE B 539 -28.47 19.43 23.09
N GLY B 540 -29.34 19.26 22.10
CA GLY B 540 -29.80 17.95 21.64
C GLY B 540 -28.95 17.43 20.50
N MET B 541 -29.28 16.23 20.09
CA MET B 541 -28.56 15.48 19.05
C MET B 541 -29.62 15.10 18.04
N PRO B 542 -30.07 16.10 17.24
CA PRO B 542 -31.23 15.90 16.37
C PRO B 542 -31.08 14.81 15.29
N ILE B 543 -29.98 14.06 15.28
CA ILE B 543 -29.75 12.90 14.38
C ILE B 543 -30.03 11.57 15.10
N VAL B 544 -29.55 11.41 16.34
CA VAL B 544 -29.70 10.15 17.14
C VAL B 544 -31.05 10.16 17.84
N GLN B 545 -31.99 11.01 17.40
CA GLN B 545 -33.33 11.17 18.01
C GLN B 545 -34.13 9.89 17.73
N ARG B 546 -33.91 8.86 18.57
CA ARG B 546 -34.43 7.48 18.39
C ARG B 546 -33.91 6.49 19.46
N TYR B 547 -33.29 6.95 20.56
CA TYR B 547 -32.51 6.09 21.51
C TYR B 547 -32.74 6.46 22.97
N LEU B 548 -32.45 7.71 23.34
CA LEU B 548 -32.30 8.19 24.75
C LEU B 548 -33.64 8.08 25.51
N ARG B 549 -34.74 7.77 24.81
CA ARG B 549 -36.08 7.44 25.37
C ARG B 549 -36.63 8.64 26.15
N GLY B 550 -36.10 8.92 27.35
CA GLY B 550 -36.50 10.04 28.21
C GLY B 550 -36.09 11.39 27.62
N THR B 551 -35.02 11.98 28.14
CA THR B 551 -34.51 13.33 27.75
C THR B 551 -33.02 13.22 27.40
N ALA B 552 -32.49 14.22 26.69
CA ALA B 552 -31.06 14.36 26.33
C ALA B 552 -30.34 15.24 27.35
N GLU B 553 -30.98 16.34 27.77
CA GLU B 553 -30.48 17.30 28.80
C GLU B 553 -30.40 16.60 30.17
N GLY B 554 -31.32 15.67 30.46
CA GLY B 554 -31.37 14.93 31.74
C GLY B 554 -30.34 13.80 31.81
N MET B 555 -29.55 13.60 30.75
CA MET B 555 -28.42 12.63 30.67
C MET B 555 -27.10 13.41 30.55
N SER B 556 -26.18 13.25 31.51
CA SER B 556 -24.92 14.02 31.64
C SER B 556 -23.91 13.58 30.56
N LEU B 557 -23.26 12.43 30.76
CA LEU B 557 -22.19 11.90 29.85
C LEU B 557 -22.06 10.38 29.97
N ASN B 558 -22.20 9.80 31.16
CA ASN B 558 -22.07 8.33 31.42
C ASN B 558 -23.26 7.58 30.80
N ASN B 559 -24.44 8.19 30.76
CA ASN B 559 -25.74 7.52 30.44
C ASN B 559 -25.98 7.48 28.92
N ILE B 560 -25.21 8.27 28.14
CA ILE B 560 -25.39 8.46 26.66
C ILE B 560 -24.48 7.50 25.89
N TYR B 561 -23.22 7.36 26.32
CA TYR B 561 -22.22 6.34 25.86
C TYR B 561 -22.73 4.93 26.21
N GLY B 562 -23.31 4.82 27.41
CA GLY B 562 -24.07 3.64 27.89
C GLY B 562 -25.26 3.33 26.98
N ALA B 563 -25.94 4.36 26.45
CA ALA B 563 -27.16 4.25 25.63
C ALA B 563 -26.90 3.47 24.32
N SER B 564 -25.70 3.58 23.73
CA SER B 564 -25.27 2.95 22.46
C SER B 564 -24.89 1.47 22.66
N LYS B 565 -24.51 0.79 21.60
CA LYS B 565 -24.19 -0.65 21.65
C LYS B 565 -22.82 -0.84 22.29
N GLN B 566 -22.80 -1.64 23.34
CA GLN B 566 -21.52 -2.06 23.95
C GLN B 566 -20.96 -3.28 23.23
N LYS B 567 -21.81 -4.27 22.90
CA LYS B 567 -21.38 -5.60 22.43
C LYS B 567 -21.18 -5.57 20.91
N ILE B 568 -20.47 -4.56 20.42
CA ILE B 568 -20.08 -4.53 18.99
C ILE B 568 -19.23 -5.77 18.70
N SER B 569 -19.47 -6.43 17.58
CA SER B 569 -18.69 -7.62 17.14
C SER B 569 -18.36 -7.42 15.66
N PRO B 570 -17.51 -8.30 15.07
CA PRO B 570 -17.16 -8.17 13.67
C PRO B 570 -18.42 -8.22 12.82
N ARG B 571 -19.44 -8.92 13.31
CA ARG B 571 -20.70 -9.04 12.52
C ARG B 571 -21.30 -7.65 12.30
N ASP B 572 -21.18 -6.72 13.27
CA ASP B 572 -21.66 -5.32 13.13
C ASP B 572 -20.97 -4.63 11.98
N ILE B 573 -19.65 -4.84 11.81
CA ILE B 573 -18.88 -4.27 10.67
C ILE B 573 -19.44 -4.86 9.37
N GLU B 574 -19.64 -6.19 9.33
CA GLU B 574 -20.20 -6.90 8.15
C GLU B 574 -21.58 -6.33 7.80
N GLU B 575 -22.42 -6.09 8.82
CA GLU B 575 -23.84 -5.69 8.61
C GLU B 575 -23.96 -4.23 8.21
N ILE B 576 -23.10 -3.34 8.78
CA ILE B 576 -23.05 -1.93 8.34
C ILE B 576 -22.64 -1.91 6.86
N ALA B 577 -21.61 -2.66 6.49
CA ALA B 577 -21.04 -2.70 5.12
C ALA B 577 -22.15 -3.14 4.15
N ALA B 578 -22.83 -4.25 4.47
CA ALA B 578 -23.89 -4.86 3.65
C ALA B 578 -25.09 -3.91 3.51
N HIS B 579 -25.60 -3.30 4.60
CA HIS B 579 -26.80 -2.43 4.57
C HIS B 579 -26.53 -1.16 3.78
N SER B 580 -25.38 -0.51 4.06
CA SER B 580 -25.08 0.87 3.62
C SER B 580 -24.81 0.89 2.13
N GLY B 581 -24.16 -0.15 1.63
CA GLY B 581 -23.55 -0.13 0.28
C GLY B 581 -22.58 1.04 0.14
N LEU B 582 -22.05 1.55 1.25
CA LEU B 582 -20.99 2.59 1.26
C LEU B 582 -19.73 1.99 1.88
N PRO B 583 -18.55 2.51 1.53
CA PRO B 583 -17.35 2.10 2.23
C PRO B 583 -17.45 2.44 3.71
N VAL B 584 -17.02 1.47 4.54
CA VAL B 584 -17.05 1.62 6.01
C VAL B 584 -15.61 1.72 6.53
N PHE B 585 -15.34 2.78 7.25
CA PHE B 585 -14.09 2.92 8.05
C PHE B 585 -14.39 2.39 9.43
N VAL B 586 -13.46 1.69 10.05
CA VAL B 586 -13.56 1.38 11.48
C VAL B 586 -12.57 2.30 12.18
N LYS B 587 -13.08 3.11 13.08
CA LYS B 587 -12.34 4.21 13.75
C LYS B 587 -12.10 3.86 15.21
N GLY B 588 -10.86 4.11 15.64
CA GLY B 588 -10.44 3.87 17.03
C GLY B 588 -9.37 2.80 17.09
N ILE B 589 -8.87 2.36 15.96
CA ILE B 589 -7.92 1.22 15.89
C ILE B 589 -6.53 1.69 16.37
N GLN B 590 -5.93 0.88 17.27
CA GLN B 590 -4.56 1.13 17.77
C GLN B 590 -3.73 -0.15 17.71
N HIS B 591 -4.36 -1.28 17.60
CA HIS B 591 -3.68 -2.60 17.56
C HIS B 591 -3.82 -3.21 16.18
N PRO B 592 -2.74 -3.74 15.60
CA PRO B 592 -2.78 -4.24 14.24
C PRO B 592 -3.77 -5.39 14.02
N GLU B 593 -3.98 -6.24 15.04
CA GLU B 593 -4.94 -7.36 14.88
C GLU B 593 -6.34 -6.83 14.63
N ASP B 594 -6.72 -5.69 15.20
CA ASP B 594 -8.05 -5.12 14.94
C ASP B 594 -8.17 -4.66 13.49
N ALA B 595 -7.08 -4.18 12.91
CA ALA B 595 -7.08 -3.75 11.52
C ALA B 595 -7.30 -4.97 10.62
N ASP B 596 -6.62 -6.07 10.85
CA ASP B 596 -6.79 -7.29 10.04
C ASP B 596 -8.24 -7.78 10.20
N MET B 597 -8.72 -7.82 11.45
CA MET B 597 -10.11 -8.28 11.72
C MET B 597 -11.10 -7.41 10.96
N ALA B 598 -10.92 -6.10 11.01
CA ALA B 598 -11.88 -5.15 10.44
C ALA B 598 -11.93 -5.35 8.93
N ILE B 599 -10.79 -5.54 8.29
CA ILE B 599 -10.73 -5.71 6.83
C ILE B 599 -11.38 -7.04 6.49
N LYS B 600 -11.14 -8.06 7.27
CA LYS B 600 -11.72 -9.40 6.96
C LYS B 600 -13.24 -9.32 7.17
N ARG B 601 -13.73 -8.44 8.03
CA ARG B 601 -15.17 -8.28 8.30
C ARG B 601 -15.80 -7.30 7.33
N GLY B 602 -15.08 -6.83 6.30
CA GLY B 602 -15.66 -6.03 5.22
C GLY B 602 -15.42 -4.54 5.35
N ALA B 603 -14.56 -4.07 6.26
CA ALA B 603 -14.25 -2.63 6.30
C ALA B 603 -13.55 -2.23 4.98
N SER B 604 -13.82 -1.03 4.50
CA SER B 604 -13.20 -0.42 3.30
C SER B 604 -12.09 0.56 3.68
N GLY B 605 -11.84 0.71 4.98
CA GLY B 605 -10.79 1.63 5.44
C GLY B 605 -10.55 1.43 6.92
N ILE B 606 -9.34 1.80 7.36
CA ILE B 606 -8.91 1.71 8.78
C ILE B 606 -8.65 3.14 9.25
N TRP B 607 -9.25 3.54 10.36
CA TRP B 607 -9.09 4.89 10.92
C TRP B 607 -8.39 4.73 12.27
N VAL B 608 -7.06 4.92 12.21
CA VAL B 608 -6.17 4.82 13.37
C VAL B 608 -6.42 6.06 14.24
N SER B 609 -6.75 5.83 15.51
CA SER B 609 -7.21 6.90 16.39
C SER B 609 -7.26 6.39 17.81
N ASN B 610 -7.03 7.28 18.77
CA ASN B 610 -7.44 7.01 20.17
C ASN B 610 -8.44 8.07 20.61
N HIS B 611 -9.17 8.61 19.64
CA HIS B 611 -10.27 9.54 19.99
C HIS B 611 -9.69 10.78 20.67
N GLY B 612 -8.50 11.23 20.25
CA GLY B 612 -7.95 12.43 20.91
C GLY B 612 -7.64 12.24 22.37
N ALA B 613 -7.31 11.02 22.75
CA ALA B 613 -7.01 10.62 24.15
C ALA B 613 -8.22 10.78 25.07
N ARG B 614 -9.43 10.80 24.51
CA ARG B 614 -10.64 10.96 25.35
C ARG B 614 -11.22 9.64 25.82
N GLN B 615 -10.62 8.53 25.44
CA GLN B 615 -11.14 7.19 25.73
C GLN B 615 -10.13 6.46 26.64
N LEU B 616 -9.52 5.38 26.18
CA LEU B 616 -8.67 4.59 27.12
C LEU B 616 -7.42 5.38 27.54
N TYR B 617 -7.21 5.43 28.84
CA TYR B 617 -6.08 6.07 29.53
C TYR B 617 -4.91 5.10 29.60
N GLU B 618 -3.70 5.68 29.64
CA GLU B 618 -2.46 4.91 29.93
C GLU B 618 -2.25 3.94 28.79
N ALA B 619 -2.54 4.46 27.59
CA ALA B 619 -2.38 3.85 26.28
C ALA B 619 -1.31 4.62 25.51
N PRO B 620 -0.80 4.03 24.41
CA PRO B 620 0.21 4.72 23.61
C PRO B 620 -0.28 6.00 22.94
N GLY B 621 0.65 6.91 22.67
CA GLY B 621 0.39 8.00 21.73
C GLY B 621 0.04 7.42 20.38
N SER B 622 -1.00 7.94 19.74
CA SER B 622 -1.56 7.33 18.52
C SER B 622 -0.52 7.15 17.41
N PHE B 623 0.34 8.15 17.21
CA PHE B 623 1.35 8.07 16.12
C PHE B 623 2.28 6.86 16.31
N ASP B 624 2.55 6.49 17.55
CA ASP B 624 3.46 5.36 17.79
C ASP B 624 2.83 4.05 17.34
N THR B 625 1.50 3.96 17.23
CA THR B 625 0.79 2.73 16.83
C THR B 625 0.71 2.59 15.32
N LEU B 626 0.95 3.67 14.58
CA LEU B 626 0.64 3.72 13.14
C LEU B 626 1.47 2.75 12.31
N PRO B 627 2.82 2.69 12.44
CA PRO B 627 3.57 1.80 11.56
C PRO B 627 3.16 0.34 11.64
N ALA B 628 2.93 -0.18 12.83
CA ALA B 628 2.57 -1.59 12.98
C ALA B 628 1.22 -1.81 12.31
N ILE B 629 0.29 -0.86 12.40
CA ILE B 629 -1.01 -1.04 11.73
C ILE B 629 -0.79 -0.97 10.22
N ALA B 630 -0.05 0.01 9.73
CA ALA B 630 0.18 0.15 8.29
C ALA B 630 0.81 -1.11 7.71
N GLU B 631 1.80 -1.69 8.41
CA GLU B 631 2.48 -2.90 7.93
C GLU B 631 1.50 -4.08 7.89
N ARG B 632 0.57 -4.17 8.83
CA ARG B 632 -0.41 -5.27 8.83
C ARG B 632 -1.44 -5.05 7.73
N VAL B 633 -1.91 -3.82 7.58
CA VAL B 633 -2.90 -3.47 6.52
C VAL B 633 -2.27 -3.78 5.15
N ASN B 634 -1.00 -3.42 4.98
CA ASN B 634 -0.24 -3.78 3.77
C ASN B 634 -1.05 -3.45 2.51
N LYS B 635 -1.52 -2.21 2.45
CA LYS B 635 -2.15 -1.58 1.26
C LYS B 635 -3.59 -2.08 1.03
N ARG B 636 -4.11 -2.97 1.86
CA ARG B 636 -5.41 -3.59 1.49
C ARG B 636 -6.54 -2.56 1.42
N VAL B 637 -6.52 -1.58 2.30
CA VAL B 637 -7.54 -0.48 2.36
C VAL B 637 -6.84 0.78 2.78
N PRO B 638 -7.42 1.95 2.44
CA PRO B 638 -6.89 3.21 2.90
C PRO B 638 -6.89 3.36 4.41
N ILE B 639 -5.87 4.08 4.86
CA ILE B 639 -5.73 4.43 6.30
C ILE B 639 -5.92 5.92 6.50
N VAL B 640 -6.82 6.27 7.41
CA VAL B 640 -6.93 7.61 8.00
C VAL B 640 -6.25 7.60 9.35
N PHE B 641 -5.46 8.60 9.67
CA PHE B 641 -4.78 8.70 10.97
C PHE B 641 -5.26 9.93 11.70
N ASP B 642 -5.54 9.83 12.98
CA ASP B 642 -5.74 11.01 13.81
C ASP B 642 -5.23 10.76 15.24
N SER B 643 -5.29 11.86 16.00
CA SER B 643 -5.16 12.02 17.46
C SER B 643 -3.82 12.67 17.73
N GLY B 644 -3.82 13.99 17.66
CA GLY B 644 -2.65 14.81 18.00
C GLY B 644 -2.05 15.60 16.84
N VAL B 645 -2.65 15.60 15.67
CA VAL B 645 -2.07 16.34 14.51
C VAL B 645 -2.20 17.84 14.80
N ARG B 646 -1.07 18.52 14.89
CA ARG B 646 -1.06 19.97 15.22
C ARG B 646 -0.26 20.79 14.19
N ARG B 647 0.55 20.15 13.36
CA ARG B 647 1.53 20.80 12.46
C ARG B 647 1.59 20.12 11.11
N GLY B 648 2.01 20.88 10.09
CA GLY B 648 2.37 20.27 8.80
C GLY B 648 3.33 19.11 8.93
N GLU B 649 4.29 19.24 9.82
CA GLU B 649 5.28 18.12 9.99
C GLU B 649 4.57 16.86 10.43
N HIS B 650 3.48 16.99 11.16
CA HIS B 650 2.72 15.81 11.65
C HIS B 650 2.02 15.14 10.49
N VAL B 651 1.43 15.94 9.61
CA VAL B 651 0.78 15.40 8.40
C VAL B 651 1.82 14.63 7.60
N ALA B 652 3.00 15.23 7.37
CA ALA B 652 4.04 14.56 6.58
C ALA B 652 4.49 13.24 7.25
N LYS B 653 4.68 13.25 8.55
CA LYS B 653 5.17 12.06 9.29
C LYS B 653 4.13 10.96 9.22
N ALA B 654 2.85 11.27 9.29
CA ALA B 654 1.78 10.27 9.18
C ALA B 654 1.78 9.65 7.80
N LEU B 655 1.93 10.46 6.75
CA LEU B 655 1.96 9.92 5.39
C LEU B 655 3.20 9.08 5.18
N ALA B 656 4.34 9.51 5.71
CA ALA B 656 5.59 8.74 5.57
C ALA B 656 5.44 7.38 6.28
N SER B 657 4.53 7.28 7.23
CA SER B 657 4.40 6.12 8.12
C SER B 657 3.20 5.27 7.69
N GLY B 658 2.54 5.54 6.58
CA GLY B 658 1.51 4.64 6.04
C GLY B 658 0.11 5.20 6.00
N ALA B 659 -0.17 6.37 6.56
CA ALA B 659 -1.51 6.96 6.44
C ALA B 659 -1.70 7.51 5.01
N ASP B 660 -2.92 7.47 4.51
CA ASP B 660 -3.27 8.13 3.22
C ASP B 660 -3.67 9.57 3.47
N VAL B 661 -4.38 9.84 4.54
CA VAL B 661 -4.72 11.20 5.00
C VAL B 661 -4.76 11.20 6.49
N VAL B 662 -4.75 12.40 7.07
CA VAL B 662 -4.98 12.58 8.52
C VAL B 662 -6.32 13.25 8.73
N ALA B 663 -6.85 13.14 9.93
CA ALA B 663 -8.02 13.93 10.31
C ALA B 663 -7.67 14.93 11.40
N LEU B 664 -8.23 16.11 11.28
CA LEU B 664 -8.02 17.23 12.19
C LEU B 664 -9.20 17.37 13.12
N GLY B 665 -8.93 17.78 14.34
CA GLY B 665 -9.95 17.87 15.38
C GLY B 665 -9.88 19.16 16.15
N ARG B 666 -9.30 19.09 17.33
CA ARG B 666 -9.29 20.21 18.27
C ARG B 666 -8.85 21.51 17.62
N PRO B 667 -7.76 21.59 16.86
CA PRO B 667 -7.33 22.87 16.32
C PRO B 667 -8.43 23.52 15.46
N VAL B 668 -9.17 22.76 14.70
CA VAL B 668 -10.27 23.31 13.86
C VAL B 668 -11.36 23.82 14.78
N LEU B 669 -11.72 23.08 15.82
CA LEU B 669 -12.77 23.57 16.75
C LEU B 669 -12.31 24.84 17.44
N PHE B 670 -11.03 25.00 17.79
CA PHE B 670 -10.65 26.13 18.66
C PHE B 670 -11.41 27.41 18.29
N GLY B 671 -12.68 27.43 18.71
CA GLY B 671 -13.49 28.67 18.87
C GLY B 671 -13.84 28.93 20.32
N LEU B 672 -12.89 28.84 21.30
CA LEU B 672 -13.25 28.58 22.74
C LEU B 672 -12.10 28.73 23.80
N ALA B 673 -11.43 27.63 24.18
CA ALA B 673 -10.63 27.47 25.43
C ALA B 673 -9.91 28.76 25.89
N LEU B 674 -9.52 28.85 27.17
CA LEU B 674 -8.56 29.75 27.92
C LEU B 674 -8.59 31.29 27.66
N GLY B 675 -8.13 31.85 26.52
CA GLY B 675 -7.81 33.30 26.38
C GLY B 675 -8.86 34.10 25.59
N GLY B 676 -8.52 34.55 24.35
CA GLY B 676 -9.41 35.08 23.29
C GLY B 676 -9.24 34.36 21.94
N TRP B 677 -10.35 34.09 21.20
CA TRP B 677 -10.68 32.85 20.40
C TRP B 677 -10.02 32.75 19.02
N GLN B 678 -9.99 31.52 18.44
CA GLN B 678 -9.42 31.21 17.09
C GLN B 678 -9.53 29.71 16.70
N GLY B 679 -10.32 29.31 15.65
CA GLY B 679 -10.27 27.99 14.95
C GLY B 679 -11.49 27.65 14.07
N ALA B 680 -11.24 27.19 12.73
CA ALA B 680 -11.92 27.40 11.36
C ALA B 680 -11.22 27.24 9.93
N TYR B 681 -11.66 28.00 8.87
CA TYR B 681 -10.99 28.06 7.52
C TYR B 681 -9.52 28.47 7.66
N SER B 682 -9.24 29.46 8.49
CA SER B 682 -7.86 29.93 8.77
C SER B 682 -7.01 28.73 9.21
N VAL B 683 -7.57 27.86 10.03
CA VAL B 683 -6.80 26.69 10.55
C VAL B 683 -6.50 25.72 9.41
N LEU B 684 -7.47 25.44 8.55
CA LEU B 684 -7.27 24.56 7.38
C LEU B 684 -6.21 25.16 6.46
N ASP B 685 -6.31 26.46 6.20
CA ASP B 685 -5.33 27.17 5.34
C ASP B 685 -3.94 27.10 5.96
N TYR B 686 -3.84 27.31 7.26
CA TYR B 686 -2.58 27.16 8.01
C TYR B 686 -1.97 25.78 7.73
N PHE B 687 -2.76 24.72 7.90
CA PHE B 687 -2.23 23.35 7.72
C PHE B 687 -1.76 23.14 6.28
N GLN B 688 -2.46 23.70 5.30
CA GLN B 688 -2.04 23.52 3.90
C GLN B 688 -0.71 24.25 3.68
N LYS B 689 -0.57 25.47 4.18
CA LYS B 689 0.67 26.26 3.99
C LYS B 689 1.81 25.60 4.75
N ASP B 690 1.51 25.17 5.96
CA ASP B 690 2.52 24.53 6.84
C ASP B 690 3.04 23.26 6.13
N LEU B 691 2.16 22.45 5.61
CA LEU B 691 2.56 21.24 4.87
C LEU B 691 3.36 21.61 3.63
N THR B 692 2.96 22.65 2.89
CA THR B 692 3.69 23.06 1.68
C THR B 692 5.15 23.37 2.02
N ARG B 693 5.39 24.08 3.12
CA ARG B 693 6.77 24.35 3.56
C ARG B 693 7.51 23.03 3.79
N VAL B 694 6.92 22.18 4.59
CA VAL B 694 7.57 20.89 4.92
C VAL B 694 7.84 20.11 3.64
N MET B 695 6.91 20.09 2.69
CA MET B 695 7.17 19.39 1.40
C MET B 695 8.41 19.99 0.73
N GLN B 696 8.50 21.31 0.66
CA GLN B 696 9.64 21.94 -0.04
C GLN B 696 10.95 21.55 0.65
N LEU B 697 10.96 21.51 1.99
CA LEU B 697 12.23 21.30 2.72
C LEU B 697 12.61 19.81 2.76
N THR B 698 11.65 18.91 2.55
CA THR B 698 11.95 17.46 2.53
C THR B 698 12.16 16.89 1.12
N GLY B 699 12.03 17.72 0.09
CA GLY B 699 12.24 17.25 -1.29
C GLY B 699 11.01 16.59 -1.87
N SER B 700 9.83 16.99 -1.43
CA SER B 700 8.57 16.33 -1.79
C SER B 700 7.76 17.22 -2.75
N GLN B 701 7.64 16.80 -3.99
CA GLN B 701 6.91 17.61 -5.00
C GLN B 701 5.41 17.41 -4.84
N ASN B 702 5.00 16.26 -4.31
CA ASN B 702 3.56 15.90 -4.25
C ASN B 702 3.34 14.95 -3.08
N VAL B 703 2.09 14.60 -2.82
CA VAL B 703 1.72 13.86 -1.60
C VAL B 703 2.30 12.44 -1.71
N GLU B 704 2.37 11.88 -2.89
CA GLU B 704 2.98 10.54 -3.04
C GLU B 704 4.44 10.59 -2.59
N ASP B 705 5.16 11.66 -2.87
CA ASP B 705 6.57 11.73 -2.46
C ASP B 705 6.66 11.68 -0.93
N LEU B 706 5.77 12.34 -0.21
CA LEU B 706 5.74 12.32 1.29
C LEU B 706 5.66 10.87 1.77
N LYS B 707 4.96 10.00 1.03
CA LYS B 707 4.75 8.62 1.47
C LYS B 707 6.09 7.85 1.39
N GLY B 708 7.07 8.34 0.65
CA GLY B 708 8.38 7.69 0.54
C GLY B 708 9.43 8.26 1.46
N LEU B 709 9.13 9.16 2.37
CA LEU B 709 10.17 9.73 3.26
C LEU B 709 10.65 8.70 4.28
N ASP B 710 11.97 8.66 4.48
CA ASP B 710 12.58 7.95 5.62
C ASP B 710 12.65 8.94 6.76
N LEU B 711 12.33 8.48 7.95
CA LEU B 711 12.37 9.31 9.17
C LEU B 711 13.57 8.88 10.03
N PHE B 712 14.07 9.82 10.80
CA PHE B 712 15.15 9.59 11.77
C PHE B 712 14.54 9.04 13.05
N ASP B 713 15.01 7.89 13.51
CA ASP B 713 14.54 7.32 14.80
C ASP B 713 15.23 8.05 15.95
N ASN B 714 14.45 8.65 16.83
CA ASN B 714 14.90 9.32 18.03
C ASN B 714 14.60 8.42 19.23
N PRO B 715 15.58 7.63 19.71
CA PRO B 715 15.30 6.76 20.86
C PRO B 715 15.24 7.49 22.19
N TYR B 716 15.72 8.73 22.25
CA TYR B 716 15.72 9.55 23.47
C TYR B 716 14.34 10.15 23.76
N GLY B 717 13.44 10.17 22.81
CA GLY B 717 12.08 10.75 23.01
C GLY B 717 12.16 12.23 23.28
N TYR B 718 11.20 12.76 24.03
CA TYR B 718 10.90 14.20 23.98
C TYR B 718 12.00 15.04 24.59
N GLU B 719 12.63 14.61 25.69
CA GLU B 719 13.62 15.44 26.36
C GLU B 719 14.98 15.37 25.63
N TYR B 720 15.17 14.41 24.72
CA TYR B 720 16.39 14.37 23.85
C TYR B 720 17.73 14.22 24.63
#